data_6V0N
#
_entry.id   6V0N
#
_cell.length_a   105.960
_cell.length_b   139.410
_cell.length_c   179.950
_cell.angle_alpha   90.000
_cell.angle_beta   90.000
_cell.angle_gamma   90.000
#
_symmetry.space_group_name_H-M   'I 2 2 2'
#
loop_
_entity.id
_entity.type
_entity.pdbx_description
1 polymer 'Protein arginine N-methyltransferase 5'
2 polymer 'Methylosome protein 50'
3 polymer 'Riok1 PBM peptide'
4 non-polymer SINEFUNGIN
5 water water
#
loop_
_entity_poly.entity_id
_entity_poly.type
_entity_poly.pdbx_seq_one_letter_code
_entity_poly.pdbx_strand_id
1 'polypeptide(L)'
;MAAMAVGGAGGSRVSSGRDLNCVPEIADTLGAVAKQGFDFLCMPVFHPRFKREFIQEPAKNRPGPQTRSDLLLSGRDWNT
LIVGKLSPWIRPDSKVEKIRRNSEAAMLQELNFGAYLGLPAFLLPLNQEDNTNLARVLTNHIHTGHHSSMFWMRVPLVAP
EDLRDDIIENAPTTHTEEYSGEEKTWMWWHNFRTLCDYSKRIAVALEIGADLPSNHVIDRWLGEPIKAAILPTSIFLTNK
KGFPVLSKMHQRLIFRLLKLEVQFIITGTNHHSEKEFCSYLQYLEYLSQNRPPPNAYELFAKGYEDYLQSPLQPLMDNLE
SQTYEVFEKDPIKYSQYQQAIYKCLLDRVPEEEKDTNVQVLMVLGAGRGPLVNASLRAAKQADRRIKLYAVEKNPNAVVT
LENWQFEEWGSQVTVVSSDMREWVAPEKADIIVSELLGSFADNELSPECLDGAQHFLKDDGVSIPGEYTSFLAPISSSKL
YNEVRACREKDRDPEAQFEMPYVVRLHNFHQLSAPQPCFTFSHPNRDPMIDNNRYCTLEFPVEVNTVLHGFAGYFETVLY
QDITLSIRPETHSPGMFSWFPILFPIKQPITVREGQTICVRFWRCSNSKKVWYEWAVTAPVCSAIHNPTGRSYTIGL
;
A
2 'polypeptide(L)'
;PRKETPPPLVPPAAREWNLPPNAPACMERQLEAARYRSDGALLLGASSLSGRCWAGSLWLFKDPCAAPNEGFCSAGVQTE
AGVADLTWVGERGILVASDSGAVELWELDENETLIVSKFCKYEHDDIVSTVSVLSSGTQAVSGSKDICIKVWDLAQQVVL
SSYRAHAAQVTCVAASPHKDSVFLSCSEDNRILLWDTRCPKPASQIGCSAPGYLPTSLAWHPQQSEVFVFGDENGTVSLV
DTKSTSCVLSSAVHSQCVTGLVFSPHSVPFLASLSEDCSLAVLDSSLSELFRSQAHRDFVRDATWSPLNHSLLTTVGWDH
QVVHHVVPTEPLPAPGPASVTE
;
B
3 'polypeptide(L)' VVPGQFDDADSSD C
#
loop_
_chem_comp.id
_chem_comp.type
_chem_comp.name
_chem_comp.formula
SFG non-polymer SINEFUNGIN 'C15 H23 N7 O5'
#
# COMPACT_ATOMS: atom_id res chain seq x y z
N VAL A 14 4.50 3.36 17.36
CA VAL A 14 4.25 3.10 15.92
C VAL A 14 4.16 1.58 15.65
N SER A 15 3.13 1.14 14.85
CA SER A 15 2.95 -0.27 14.52
C SER A 15 3.88 -0.71 13.40
N SER A 16 4.79 -1.64 13.72
CA SER A 16 5.81 -2.09 12.79
C SER A 16 5.88 -3.59 12.56
N GLY A 17 6.29 -3.95 11.36
CA GLY A 17 6.45 -5.32 10.95
C GLY A 17 7.77 -5.54 10.25
N ARG A 18 8.27 -6.76 10.37
CA ARG A 18 9.51 -7.20 9.71
C ARG A 18 9.14 -8.08 8.49
N ASP A 19 9.69 -7.76 7.33
CA ASP A 19 9.46 -8.56 6.13
C ASP A 19 10.69 -9.44 5.89
N LEU A 20 10.46 -10.75 5.81
CA LEU A 20 11.50 -11.72 5.58
C LEU A 20 11.07 -12.70 4.47
N ASN A 21 12.04 -13.22 3.71
CA ASN A 21 11.79 -14.25 2.70
C ASN A 21 12.54 -15.55 3.01
N CYS A 22 13.09 -15.63 4.25
CA CYS A 22 13.86 -16.76 4.77
C CYS A 22 13.50 -16.99 6.22
N VAL A 23 12.84 -18.13 6.50
CA VAL A 23 12.38 -18.54 7.84
C VAL A 23 12.83 -20.00 8.09
N PRO A 24 14.08 -20.23 8.55
CA PRO A 24 14.51 -21.61 8.83
C PRO A 24 13.62 -22.28 9.88
N GLU A 25 13.40 -21.61 11.04
CA GLU A 25 12.54 -22.08 12.13
C GLU A 25 11.61 -20.92 12.53
N ILE A 26 10.28 -21.17 12.49
CA ILE A 26 9.23 -20.18 12.75
C ILE A 26 9.29 -19.55 14.17
N ALA A 27 9.45 -20.37 15.22
CA ALA A 27 9.47 -19.94 16.62
C ALA A 27 10.71 -19.11 16.96
N ASP A 28 11.89 -19.55 16.46
CA ASP A 28 13.15 -18.83 16.63
C ASP A 28 13.13 -17.51 15.86
N THR A 29 12.61 -17.49 14.60
CA THR A 29 12.53 -16.26 13.81
C THR A 29 11.59 -15.25 14.49
N LEU A 30 10.36 -15.69 14.84
CA LEU A 30 9.36 -14.87 15.54
C LEU A 30 9.98 -14.22 16.79
N GLY A 31 10.67 -15.04 17.58
CA GLY A 31 11.33 -14.65 18.82
C GLY A 31 12.40 -13.61 18.62
N ALA A 32 13.25 -13.75 17.57
CA ALA A 32 14.31 -12.78 17.27
C ALA A 32 13.70 -11.45 16.79
N VAL A 33 12.64 -11.52 15.98
CA VAL A 33 11.89 -10.39 15.42
C VAL A 33 11.15 -9.61 16.54
N ALA A 34 10.55 -10.33 17.51
CA ALA A 34 9.88 -9.74 18.67
C ALA A 34 10.92 -9.00 19.54
N LYS A 35 12.12 -9.60 19.73
CA LYS A 35 13.25 -9.02 20.50
C LYS A 35 13.75 -7.69 19.90
N GLN A 36 13.60 -7.53 18.57
CA GLN A 36 14.01 -6.30 17.87
C GLN A 36 13.00 -5.16 18.10
N GLY A 37 11.79 -5.50 18.52
CA GLY A 37 10.73 -4.54 18.83
C GLY A 37 9.59 -4.51 17.84
N PHE A 38 9.58 -5.44 16.86
CA PHE A 38 8.53 -5.53 15.85
C PHE A 38 7.23 -6.11 16.41
N ASP A 39 6.10 -5.58 15.93
CA ASP A 39 4.76 -6.03 16.32
C ASP A 39 4.30 -7.23 15.51
N PHE A 40 4.87 -7.44 14.30
CA PHE A 40 4.49 -8.55 13.42
C PHE A 40 5.57 -8.94 12.42
N LEU A 41 5.39 -10.12 11.80
CA LEU A 41 6.30 -10.69 10.80
C LEU A 41 5.56 -11.06 9.50
N CYS A 42 6.05 -10.53 8.33
CA CYS A 42 5.54 -10.91 7.00
C CYS A 42 6.51 -12.00 6.57
N MET A 43 5.95 -13.15 6.22
CA MET A 43 6.75 -14.31 5.88
C MET A 43 6.05 -15.24 4.90
N PRO A 44 6.83 -16.09 4.18
CA PRO A 44 6.20 -17.09 3.29
C PRO A 44 5.47 -18.18 4.12
N VAL A 45 4.27 -18.59 3.67
CA VAL A 45 3.52 -19.65 4.34
C VAL A 45 3.87 -21.05 3.76
N PHE A 46 4.55 -21.05 2.59
CA PHE A 46 5.10 -22.18 1.84
C PHE A 46 6.51 -21.73 1.48
N HIS A 47 7.51 -22.66 1.38
CA HIS A 47 8.88 -22.27 1.00
C HIS A 47 8.86 -21.51 -0.33
N PRO A 48 9.44 -20.28 -0.39
CA PRO A 48 9.36 -19.48 -1.62
C PRO A 48 9.94 -20.13 -2.91
N ARG A 49 10.85 -21.15 -2.76
CA ARG A 49 11.47 -21.87 -3.87
C ARG A 49 10.80 -23.20 -4.19
N PHE A 50 9.86 -23.64 -3.34
CA PHE A 50 9.17 -24.92 -3.48
C PHE A 50 8.04 -24.92 -4.51
N LYS A 51 8.40 -24.75 -5.79
CA LYS A 51 7.43 -24.76 -6.90
C LYS A 51 6.72 -26.11 -6.93
N ARG A 52 5.40 -26.08 -7.05
CA ARG A 52 4.56 -27.26 -7.05
C ARG A 52 3.87 -27.45 -8.39
N GLU A 53 3.72 -28.71 -8.78
CA GLU A 53 3.06 -29.18 -10.00
C GLU A 53 1.68 -29.74 -9.61
N PHE A 54 0.63 -29.36 -10.37
CA PHE A 54 -0.73 -29.78 -10.03
C PHE A 54 -1.40 -30.70 -11.04
N ILE A 55 -0.79 -30.87 -12.23
CA ILE A 55 -1.37 -31.62 -13.35
C ILE A 55 -0.50 -32.78 -13.87
N GLN A 56 0.77 -32.50 -14.19
CA GLN A 56 1.68 -33.46 -14.81
C GLN A 56 2.41 -34.39 -13.84
N GLU A 57 2.32 -35.71 -14.14
CA GLU A 57 3.02 -36.77 -13.40
C GLU A 57 4.46 -36.81 -13.92
N PRO A 58 5.49 -37.17 -13.12
CA PRO A 58 5.46 -37.66 -11.74
C PRO A 58 5.44 -36.61 -10.61
N ALA A 59 5.79 -35.33 -10.94
CA ALA A 59 5.89 -34.22 -10.00
C ALA A 59 4.58 -33.84 -9.28
N LYS A 60 3.40 -34.07 -9.90
CA LYS A 60 2.14 -33.77 -9.21
C LYS A 60 1.94 -34.71 -8.00
N ASN A 61 2.57 -35.88 -8.03
CA ASN A 61 2.45 -36.88 -6.97
C ASN A 61 3.55 -36.80 -5.92
N ARG A 62 4.30 -35.67 -5.85
CA ARG A 62 5.36 -35.40 -4.86
C ARG A 62 4.84 -35.68 -3.44
N PRO A 63 5.54 -36.53 -2.65
CA PRO A 63 5.06 -36.80 -1.27
C PRO A 63 5.10 -35.56 -0.38
N GLY A 64 4.11 -35.46 0.52
CA GLY A 64 3.98 -34.34 1.44
C GLY A 64 4.91 -34.45 2.64
N PRO A 65 4.79 -33.56 3.67
CA PRO A 65 3.86 -32.42 3.79
C PRO A 65 4.17 -31.32 2.77
N GLN A 66 3.15 -30.60 2.29
CA GLN A 66 3.33 -29.54 1.28
C GLN A 66 4.00 -28.30 1.86
N THR A 67 3.82 -28.07 3.18
CA THR A 67 4.43 -27.00 3.95
C THR A 67 4.55 -27.41 5.43
N ARG A 68 4.96 -26.46 6.29
CA ARG A 68 5.08 -26.65 7.74
C ARG A 68 3.72 -26.56 8.43
N SER A 69 3.62 -27.24 9.56
CA SER A 69 2.42 -27.37 10.38
C SER A 69 1.95 -26.07 11.06
N ASP A 70 0.62 -25.90 11.05
CA ASP A 70 -0.15 -24.90 11.77
C ASP A 70 0.10 -25.05 13.29
N LEU A 71 0.46 -26.25 13.77
CA LEU A 71 0.71 -26.53 15.19
C LEU A 71 1.97 -25.86 15.78
N LEU A 72 2.84 -25.29 14.93
CA LEU A 72 4.10 -24.61 15.31
C LEU A 72 3.88 -23.28 16.04
N LEU A 73 2.69 -22.72 15.91
CA LEU A 73 2.31 -21.48 16.59
C LEU A 73 0.92 -21.65 17.17
N SER A 74 0.59 -20.83 18.18
CA SER A 74 -0.75 -20.83 18.75
C SER A 74 -1.66 -20.09 17.75
N GLY A 75 -2.97 -20.33 17.85
CA GLY A 75 -3.97 -19.68 17.03
C GLY A 75 -3.93 -18.17 17.18
N ARG A 76 -3.72 -17.68 18.43
CA ARG A 76 -3.60 -16.24 18.74
C ARG A 76 -2.41 -15.63 17.96
N ASP A 77 -1.26 -16.34 17.93
CA ASP A 77 -0.06 -15.91 17.20
C ASP A 77 -0.27 -15.85 15.69
N TRP A 78 -0.97 -16.85 15.09
CA TRP A 78 -1.32 -16.81 13.67
C TRP A 78 -2.24 -15.62 13.38
N ASN A 79 -3.23 -15.34 14.29
CA ASN A 79 -4.20 -14.26 14.12
C ASN A 79 -3.66 -12.86 14.33
N THR A 80 -2.54 -12.70 15.05
CA THR A 80 -2.07 -11.35 15.39
C THR A 80 -0.66 -11.01 14.94
N LEU A 81 0.25 -11.99 14.90
CA LEU A 81 1.65 -11.73 14.59
C LEU A 81 2.11 -12.04 13.17
N ILE A 82 1.30 -12.72 12.36
CA ILE A 82 1.77 -13.15 11.03
C ILE A 82 1.02 -12.57 9.85
N VAL A 83 1.75 -11.94 8.94
CA VAL A 83 1.19 -11.52 7.64
C VAL A 83 1.79 -12.52 6.64
N GLY A 84 0.92 -13.19 5.90
CA GLY A 84 1.28 -14.17 4.87
C GLY A 84 1.79 -13.55 3.59
N LYS A 85 2.55 -14.33 2.81
CA LYS A 85 3.12 -13.84 1.54
C LYS A 85 2.93 -14.83 0.40
N LEU A 86 2.47 -14.34 -0.76
CA LEU A 86 2.37 -15.20 -1.94
C LEU A 86 3.78 -15.62 -2.44
N SER A 87 3.96 -16.92 -2.81
CA SER A 87 5.23 -17.43 -3.34
C SER A 87 5.67 -16.64 -4.59
N PRO A 88 6.97 -16.28 -4.69
CA PRO A 88 7.41 -15.43 -5.82
C PRO A 88 7.29 -16.04 -7.24
N TRP A 89 7.26 -17.39 -7.36
CA TRP A 89 7.12 -18.08 -8.66
C TRP A 89 5.67 -18.07 -9.23
N ILE A 90 4.65 -17.77 -8.35
CA ILE A 90 3.23 -17.74 -8.73
C ILE A 90 2.99 -16.58 -9.70
N ARG A 91 2.71 -16.92 -10.97
CA ARG A 91 2.52 -15.95 -12.05
C ARG A 91 1.24 -16.23 -12.81
N PRO A 92 0.07 -15.77 -12.27
CA PRO A 92 -1.21 -16.07 -12.92
C PRO A 92 -1.42 -15.38 -14.24
N ASP A 93 -0.61 -14.37 -14.56
CA ASP A 93 -0.78 -13.64 -15.81
C ASP A 93 0.34 -13.96 -16.81
N SER A 94 1.07 -15.08 -16.55
CA SER A 94 2.12 -15.62 -17.41
C SER A 94 1.55 -15.92 -18.80
N LYS A 95 2.39 -15.77 -19.84
CA LYS A 95 2.03 -16.04 -21.24
C LYS A 95 2.14 -17.54 -21.55
N VAL A 96 2.77 -18.32 -20.67
CA VAL A 96 2.88 -19.78 -20.76
C VAL A 96 1.66 -20.33 -20.03
N GLU A 97 0.79 -21.06 -20.77
CA GLU A 97 -0.43 -21.65 -20.20
C GLU A 97 -0.16 -22.56 -19.00
N LYS A 98 0.86 -23.42 -19.10
CA LYS A 98 1.25 -24.36 -18.05
C LYS A 98 1.60 -23.62 -16.77
N ILE A 99 2.38 -22.51 -16.88
CA ILE A 99 2.76 -21.65 -15.76
C ILE A 99 1.53 -20.97 -15.17
N ARG A 100 0.63 -20.47 -16.05
CA ARG A 100 -0.58 -19.81 -15.62
C ARG A 100 -1.52 -20.74 -14.76
N ARG A 101 -1.74 -21.99 -15.20
CA ARG A 101 -2.62 -22.97 -14.55
C ARG A 101 -2.06 -23.52 -13.25
N ASN A 102 -0.74 -23.80 -13.20
CA ASN A 102 -0.10 -24.22 -11.95
C ASN A 102 -0.13 -23.06 -10.94
N SER A 103 0.02 -21.81 -11.46
CA SER A 103 0.00 -20.59 -10.65
C SER A 103 -1.38 -20.31 -10.07
N GLU A 104 -2.46 -20.51 -10.85
CA GLU A 104 -3.83 -20.31 -10.36
C GLU A 104 -4.09 -21.29 -9.18
N ALA A 105 -3.79 -22.60 -9.37
CA ALA A 105 -3.95 -23.67 -8.36
C ALA A 105 -3.10 -23.40 -7.12
N ALA A 106 -1.86 -22.90 -7.28
CA ALA A 106 -0.94 -22.56 -6.18
C ALA A 106 -1.40 -21.31 -5.40
N MET A 107 -1.98 -20.30 -6.12
CA MET A 107 -2.51 -19.07 -5.52
C MET A 107 -3.67 -19.39 -4.57
N LEU A 108 -4.61 -20.22 -5.05
CA LEU A 108 -5.76 -20.70 -4.29
C LEU A 108 -5.33 -21.50 -3.07
N GLN A 109 -4.40 -22.45 -3.27
CA GLN A 109 -3.84 -23.27 -2.22
C GLN A 109 -3.19 -22.44 -1.10
N GLU A 110 -2.40 -21.39 -1.46
CA GLU A 110 -1.74 -20.50 -0.49
C GLU A 110 -2.73 -19.58 0.22
N LEU A 111 -3.66 -18.95 -0.52
CA LEU A 111 -4.74 -18.11 0.06
C LEU A 111 -5.64 -18.95 1.01
N ASN A 112 -5.97 -20.17 0.61
CA ASN A 112 -6.75 -21.12 1.42
C ASN A 112 -6.00 -21.55 2.66
N PHE A 113 -4.64 -21.65 2.60
CA PHE A 113 -3.87 -22.04 3.79
C PHE A 113 -3.83 -20.88 4.76
N GLY A 114 -3.75 -19.65 4.22
CA GLY A 114 -3.81 -18.43 5.03
C GLY A 114 -5.12 -18.30 5.80
N ALA A 115 -6.26 -18.61 5.11
CA ALA A 115 -7.60 -18.59 5.68
C ALA A 115 -7.74 -19.68 6.75
N TYR A 116 -7.12 -20.85 6.52
CA TYR A 116 -7.07 -21.97 7.45
C TYR A 116 -6.34 -21.56 8.74
N LEU A 117 -5.26 -20.78 8.60
CA LEU A 117 -4.41 -20.26 9.69
C LEU A 117 -5.09 -19.11 10.42
N GLY A 118 -6.06 -18.46 9.79
CA GLY A 118 -6.74 -17.30 10.35
C GLY A 118 -5.84 -16.07 10.37
N LEU A 119 -5.00 -15.91 9.32
CA LEU A 119 -4.08 -14.80 9.18
C LEU A 119 -4.81 -13.46 9.06
N PRO A 120 -4.32 -12.41 9.75
CA PRO A 120 -5.01 -11.10 9.69
C PRO A 120 -4.84 -10.39 8.34
N ALA A 121 -3.75 -10.66 7.63
CA ALA A 121 -3.43 -10.06 6.34
C ALA A 121 -2.56 -11.01 5.49
N PHE A 122 -2.54 -10.79 4.17
CA PHE A 122 -1.81 -11.59 3.20
C PHE A 122 -1.32 -10.63 2.08
N LEU A 123 -0.01 -10.66 1.80
CA LEU A 123 0.66 -9.83 0.79
C LEU A 123 0.71 -10.46 -0.61
N LEU A 124 0.30 -9.68 -1.62
CA LEU A 124 0.30 -10.08 -3.03
C LEU A 124 0.95 -8.95 -3.82
N PRO A 125 1.88 -9.24 -4.76
CA PRO A 125 2.51 -8.13 -5.49
C PRO A 125 1.76 -7.65 -6.73
N LEU A 126 1.92 -6.35 -7.01
CA LEU A 126 1.47 -5.72 -8.25
C LEU A 126 2.78 -5.20 -8.80
N ASN A 127 3.50 -6.05 -9.57
CA ASN A 127 4.85 -5.74 -10.08
C ASN A 127 4.92 -5.59 -11.60
N GLN A 128 3.75 -5.55 -12.25
CA GLN A 128 3.60 -5.41 -13.71
C GLN A 128 2.20 -4.83 -13.97
N GLU A 129 1.96 -4.36 -15.20
CA GLU A 129 0.71 -3.75 -15.66
C GLU A 129 -0.50 -4.70 -15.71
N ASP A 130 -0.33 -5.92 -16.28
CA ASP A 130 -1.40 -6.89 -16.44
C ASP A 130 -1.50 -7.88 -15.26
N ASN A 131 -2.49 -7.65 -14.40
CA ASN A 131 -2.80 -8.49 -13.23
C ASN A 131 -4.25 -8.97 -13.25
N THR A 132 -4.84 -9.03 -14.47
CA THR A 132 -6.24 -9.41 -14.71
C THR A 132 -6.60 -10.77 -14.09
N ASN A 133 -5.81 -11.81 -14.39
CA ASN A 133 -5.99 -13.15 -13.88
C ASN A 133 -5.70 -13.26 -12.40
N LEU A 134 -4.73 -12.47 -11.90
CA LEU A 134 -4.43 -12.41 -10.46
C LEU A 134 -5.70 -11.90 -9.76
N ALA A 135 -6.30 -10.79 -10.27
CA ALA A 135 -7.56 -10.18 -9.83
C ALA A 135 -8.69 -11.18 -9.81
N ARG A 136 -8.82 -11.96 -10.90
CA ARG A 136 -9.86 -12.95 -11.04
C ARG A 136 -9.75 -14.03 -9.98
N VAL A 137 -8.54 -14.58 -9.77
CA VAL A 137 -8.30 -15.63 -8.78
C VAL A 137 -8.54 -15.09 -7.36
N LEU A 138 -8.10 -13.82 -7.08
CA LEU A 138 -8.35 -13.20 -5.78
C LEU A 138 -9.88 -12.98 -5.53
N THR A 139 -10.63 -12.46 -6.53
CA THR A 139 -12.09 -12.23 -6.43
C THR A 139 -12.83 -13.54 -6.15
N ASN A 140 -12.46 -14.62 -6.83
CA ASN A 140 -13.09 -15.92 -6.57
C ASN A 140 -12.79 -16.39 -5.13
N HIS A 141 -11.55 -16.18 -4.62
CA HIS A 141 -11.17 -16.50 -3.24
C HIS A 141 -12.04 -15.74 -2.25
N ILE A 142 -12.20 -14.42 -2.46
CA ILE A 142 -13.04 -13.56 -1.62
C ILE A 142 -14.51 -14.05 -1.57
N HIS A 143 -15.08 -14.47 -2.71
CA HIS A 143 -16.46 -14.95 -2.80
C HIS A 143 -16.64 -16.41 -2.40
N THR A 144 -15.69 -16.94 -1.60
CA THR A 144 -15.71 -18.29 -1.02
C THR A 144 -15.58 -18.14 0.51
N GLY A 145 -16.72 -17.86 1.18
CA GLY A 145 -16.81 -17.63 2.63
C GLY A 145 -16.98 -16.16 3.02
N HIS A 146 -16.46 -15.76 4.22
CA HIS A 146 -16.49 -14.36 4.74
C HIS A 146 -15.08 -13.79 5.05
N HIS A 147 -14.35 -14.51 5.92
CA HIS A 147 -12.98 -14.34 6.43
C HIS A 147 -12.65 -12.98 7.07
N SER A 148 -13.07 -11.83 6.47
CA SER A 148 -12.82 -10.45 6.95
C SER A 148 -11.33 -10.04 6.80
N SER A 149 -10.43 -11.06 6.64
CA SER A 149 -8.99 -11.03 6.41
C SER A 149 -8.58 -10.00 5.30
N MET A 150 -7.47 -9.28 5.50
CA MET A 150 -7.03 -8.28 4.52
C MET A 150 -6.07 -8.78 3.46
N PHE A 151 -6.15 -8.20 2.27
CA PHE A 151 -5.24 -8.47 1.17
C PHE A 151 -4.48 -7.19 0.91
N TRP A 152 -3.16 -7.21 1.19
CA TRP A 152 -2.27 -6.07 1.00
C TRP A 152 -1.54 -6.19 -0.33
N MET A 153 -1.87 -5.31 -1.27
CA MET A 153 -1.28 -5.27 -2.60
C MET A 153 0.01 -4.46 -2.58
N ARG A 154 1.15 -5.16 -2.75
CA ARG A 154 2.52 -4.64 -2.71
C ARG A 154 2.81 -3.93 -4.02
N VAL A 155 2.77 -2.61 -4.00
CA VAL A 155 2.95 -1.80 -5.19
C VAL A 155 3.98 -0.71 -4.93
N PRO A 156 4.99 -0.55 -5.80
CA PRO A 156 5.97 0.51 -5.52
C PRO A 156 5.54 1.88 -6.03
N LEU A 157 6.08 2.97 -5.43
CA LEU A 157 5.87 4.33 -5.94
C LEU A 157 6.46 4.41 -7.35
N VAL A 158 7.66 3.81 -7.53
CA VAL A 158 8.39 3.81 -8.80
C VAL A 158 8.58 2.37 -9.24
N ALA A 159 8.13 2.04 -10.46
CA ALA A 159 8.24 0.70 -11.08
C ALA A 159 9.72 0.27 -11.18
N PRO A 160 10.06 -1.05 -11.02
CA PRO A 160 11.48 -1.47 -11.11
C PRO A 160 12.16 -1.16 -12.46
N GLU A 161 11.41 -1.19 -13.57
CA GLU A 161 11.92 -0.82 -14.91
C GLU A 161 12.34 0.68 -14.94
N ASP A 162 11.69 1.51 -14.09
CA ASP A 162 11.92 2.95 -14.03
C ASP A 162 13.00 3.36 -13.05
N LEU A 163 13.51 2.44 -12.20
CA LEU A 163 14.58 2.79 -11.26
C LEU A 163 15.90 2.01 -11.55
N ARG A 164 15.95 1.23 -12.65
CA ARG A 164 17.15 0.46 -13.01
C ARG A 164 18.33 1.39 -13.35
N ASP A 165 19.56 0.97 -13.04
CA ASP A 165 20.78 1.72 -13.34
C ASP A 165 20.98 1.88 -14.84
N ASP A 166 21.50 3.04 -15.27
CA ASP A 166 21.75 3.28 -16.69
C ASP A 166 23.14 2.70 -17.02
N ILE A 167 23.19 1.34 -17.07
CA ILE A 167 24.41 0.55 -17.25
C ILE A 167 24.30 -0.42 -18.46
N ILE A 168 23.20 -0.35 -19.24
CA ILE A 168 23.03 -1.18 -20.45
C ILE A 168 23.33 -0.24 -21.62
N GLU A 169 24.52 -0.41 -22.24
CA GLU A 169 25.06 0.44 -23.32
C GLU A 169 24.14 0.58 -24.57
N ASN A 170 23.41 -0.49 -24.95
CA ASN A 170 22.53 -0.52 -26.13
C ASN A 170 21.01 -0.43 -25.79
N ALA A 171 20.68 -0.18 -24.51
CA ALA A 171 19.30 0.00 -24.04
C ALA A 171 19.30 1.07 -22.93
N PRO A 172 19.50 2.36 -23.27
CA PRO A 172 19.54 3.40 -22.22
C PRO A 172 18.18 3.70 -21.58
N THR A 173 18.24 4.23 -20.34
CA THR A 173 17.07 4.62 -19.55
C THR A 173 16.42 5.86 -20.19
N THR A 174 15.11 6.05 -19.98
CA THR A 174 14.42 7.20 -20.57
C THR A 174 14.74 8.48 -19.76
N HIS A 175 15.47 9.40 -20.42
CA HIS A 175 15.88 10.69 -19.86
C HIS A 175 14.85 11.82 -20.20
N THR A 176 13.67 11.41 -20.71
CA THR A 176 12.54 12.28 -21.07
C THR A 176 11.47 12.20 -19.97
N GLU A 177 10.92 13.36 -19.57
CA GLU A 177 9.86 13.41 -18.56
C GLU A 177 8.54 12.91 -19.18
N GLU A 178 7.94 11.88 -18.54
CA GLU A 178 6.67 11.30 -18.97
C GLU A 178 5.71 11.45 -17.78
N TYR A 179 4.99 12.60 -17.72
CA TYR A 179 4.06 12.95 -16.64
C TYR A 179 3.14 11.79 -16.23
N SER A 180 2.38 11.24 -17.21
CA SER A 180 1.45 10.12 -16.97
C SER A 180 2.15 8.76 -16.76
N GLY A 181 3.29 8.57 -17.42
CA GLY A 181 4.12 7.37 -17.34
C GLY A 181 4.81 7.19 -16.00
N GLU A 182 5.17 8.31 -15.33
CA GLU A 182 5.79 8.33 -13.98
C GLU A 182 4.75 7.91 -12.95
N GLU A 183 3.46 8.01 -13.32
CA GLU A 183 2.29 7.65 -12.53
C GLU A 183 1.77 6.23 -12.89
N LYS A 184 2.58 5.42 -13.61
CA LYS A 184 2.13 4.09 -14.08
C LYS A 184 1.72 3.07 -12.97
N THR A 185 2.38 3.08 -11.78
CA THR A 185 2.07 2.12 -10.70
C THR A 185 0.71 2.38 -10.07
N TRP A 186 0.26 3.67 -10.03
CA TRP A 186 -1.08 4.04 -9.58
C TRP A 186 -2.13 3.39 -10.50
N MET A 187 -1.90 3.39 -11.83
N MET A 187 -1.89 3.38 -11.83
CA MET A 187 -2.80 2.77 -12.81
CA MET A 187 -2.77 2.76 -12.83
C MET A 187 -2.84 1.23 -12.65
C MET A 187 -2.86 1.25 -12.56
N TRP A 188 -1.71 0.59 -12.23
CA TRP A 188 -1.65 -0.86 -11.96
C TRP A 188 -2.59 -1.17 -10.78
N TRP A 189 -2.50 -0.37 -9.69
CA TRP A 189 -3.38 -0.49 -8.53
C TRP A 189 -4.85 -0.22 -8.92
N HIS A 190 -5.11 0.92 -9.62
CA HIS A 190 -6.46 1.33 -9.99
C HIS A 190 -7.20 0.28 -10.83
N ASN A 191 -6.53 -0.29 -11.87
CA ASN A 191 -7.15 -1.34 -12.69
C ASN A 191 -7.44 -2.60 -11.87
N PHE A 192 -6.51 -2.99 -10.98
CA PHE A 192 -6.65 -4.15 -10.12
C PHE A 192 -7.89 -4.03 -9.20
N ARG A 193 -8.05 -2.89 -8.50
CA ARG A 193 -9.15 -2.68 -7.58
C ARG A 193 -10.49 -2.46 -8.31
N THR A 194 -10.46 -1.99 -9.58
CA THR A 194 -11.68 -1.81 -10.41
C THR A 194 -12.21 -3.19 -10.80
N LEU A 195 -11.30 -4.08 -11.25
CA LEU A 195 -11.57 -5.49 -11.61
C LEU A 195 -12.17 -6.27 -10.40
N CYS A 196 -11.61 -6.02 -9.19
CA CYS A 196 -12.01 -6.65 -7.94
C CYS A 196 -13.24 -6.02 -7.31
N ASP A 197 -13.81 -4.99 -8.01
CA ASP A 197 -15.02 -4.26 -7.67
C ASP A 197 -14.95 -3.56 -6.31
N TYR A 198 -13.86 -2.80 -6.08
CA TYR A 198 -13.64 -2.00 -4.88
C TYR A 198 -13.84 -2.79 -3.56
N SER A 199 -13.36 -4.04 -3.48
CA SER A 199 -13.52 -4.84 -2.25
C SER A 199 -12.90 -4.15 -1.04
N LYS A 200 -13.66 -4.10 0.09
CA LYS A 200 -13.18 -3.47 1.34
C LYS A 200 -11.98 -4.21 1.94
N ARG A 201 -11.79 -5.46 1.51
CA ARG A 201 -10.72 -6.37 1.92
C ARG A 201 -9.41 -6.18 1.14
N ILE A 202 -9.43 -5.39 0.07
CA ILE A 202 -8.24 -5.12 -0.74
C ILE A 202 -7.67 -3.72 -0.45
N ALA A 203 -6.44 -3.67 0.05
CA ALA A 203 -5.77 -2.43 0.39
C ALA A 203 -4.33 -2.34 -0.22
N VAL A 204 -3.65 -1.19 -0.01
CA VAL A 204 -2.32 -0.92 -0.56
C VAL A 204 -1.22 -1.06 0.49
N ALA A 205 -0.15 -1.80 0.14
CA ALA A 205 1.12 -1.87 0.87
C ALA A 205 2.09 -1.12 -0.11
N LEU A 206 2.31 0.19 0.15
CA LEU A 206 3.08 1.06 -0.75
C LEU A 206 4.59 1.00 -0.48
N GLU A 207 5.35 0.53 -1.49
CA GLU A 207 6.80 0.38 -1.34
C GLU A 207 7.59 1.65 -1.74
N ILE A 208 8.30 2.23 -0.76
CA ILE A 208 9.07 3.47 -0.91
C ILE A 208 10.49 3.14 -1.47
N GLY A 209 10.93 3.88 -2.48
CA GLY A 209 12.23 3.68 -3.11
C GLY A 209 13.26 4.71 -2.71
N ALA A 210 14.56 4.44 -3.06
CA ALA A 210 15.71 5.29 -2.72
C ALA A 210 15.54 6.73 -3.20
N ASP A 211 15.08 6.91 -4.43
CA ASP A 211 14.80 8.23 -4.97
C ASP A 211 13.29 8.38 -5.05
N LEU A 212 12.72 9.31 -4.27
CA LEU A 212 11.27 9.55 -4.27
C LEU A 212 10.86 10.13 -5.62
N PRO A 213 9.68 9.75 -6.16
CA PRO A 213 9.27 10.33 -7.44
C PRO A 213 8.85 11.78 -7.22
N SER A 214 8.52 12.51 -8.33
CA SER A 214 8.03 13.89 -8.27
C SER A 214 6.73 13.91 -7.40
N ASN A 215 6.40 15.06 -6.77
CA ASN A 215 5.23 15.25 -5.89
C ASN A 215 3.96 14.68 -6.43
N HIS A 216 3.64 15.01 -7.72
CA HIS A 216 2.42 14.59 -8.43
C HIS A 216 2.23 13.06 -8.37
N VAL A 217 3.32 12.29 -8.58
CA VAL A 217 3.35 10.83 -8.52
C VAL A 217 2.98 10.35 -7.11
N ILE A 218 3.52 10.99 -6.05
CA ILE A 218 3.25 10.66 -4.63
C ILE A 218 1.80 10.94 -4.25
N ASP A 219 1.35 12.19 -4.39
CA ASP A 219 -0.01 12.58 -3.97
C ASP A 219 -1.17 11.97 -4.87
N ARG A 220 -0.80 11.08 -5.84
CA ARG A 220 -1.75 10.31 -6.66
C ARG A 220 -2.47 9.28 -5.74
N TRP A 221 -1.78 8.92 -4.62
CA TRP A 221 -2.07 7.92 -3.60
C TRP A 221 -2.83 8.46 -2.42
N LEU A 222 -3.12 9.76 -2.45
CA LEU A 222 -3.71 10.57 -1.37
C LEU A 222 -4.95 9.97 -0.69
N GLY A 223 -5.99 9.72 -1.48
CA GLY A 223 -7.24 9.17 -1.00
C GLY A 223 -7.38 7.69 -1.23
N GLU A 224 -6.25 6.99 -1.42
CA GLU A 224 -6.20 5.54 -1.63
C GLU A 224 -6.11 4.79 -0.32
N PRO A 225 -6.69 3.57 -0.23
CA PRO A 225 -6.65 2.83 1.06
C PRO A 225 -5.29 2.23 1.42
N ILE A 226 -4.32 3.07 1.81
CA ILE A 226 -2.98 2.62 2.23
C ILE A 226 -3.07 2.06 3.65
N LYS A 227 -2.76 0.78 3.80
CA LYS A 227 -2.76 0.08 5.09
C LYS A 227 -1.36 -0.15 5.60
N ALA A 228 -0.35 -0.21 4.67
CA ALA A 228 1.06 -0.38 5.03
C ALA A 228 2.01 0.38 4.11
N ALA A 229 3.19 0.77 4.63
CA ALA A 229 4.25 1.44 3.90
C ALA A 229 5.55 0.62 4.11
N ILE A 230 6.14 0.12 3.00
CA ILE A 230 7.32 -0.75 3.01
C ILE A 230 8.61 0.07 2.82
N LEU A 231 9.48 -0.01 3.82
CA LEU A 231 10.75 0.69 3.79
C LEU A 231 11.91 -0.28 3.61
N PRO A 232 12.52 -0.33 2.40
CA PRO A 232 13.71 -1.16 2.22
C PRO A 232 14.87 -0.55 3.01
N THR A 233 15.70 -1.39 3.62
CA THR A 233 16.87 -0.97 4.38
C THR A 233 17.85 -0.20 3.47
N SER A 234 17.79 -0.46 2.16
CA SER A 234 18.65 0.13 1.13
C SER A 234 18.42 1.65 0.88
N ILE A 235 17.25 2.20 1.25
CA ILE A 235 16.90 3.62 1.05
C ILE A 235 17.48 4.53 2.16
N PHE A 236 17.94 3.90 3.25
CA PHE A 236 18.51 4.61 4.37
C PHE A 236 19.92 5.09 4.07
N LEU A 237 20.19 6.32 4.48
CA LEU A 237 21.50 6.98 4.40
C LEU A 237 22.19 6.64 5.73
N THR A 238 23.47 7.01 5.84
CA THR A 238 24.27 6.77 7.03
C THR A 238 24.68 8.13 7.61
N ASN A 239 24.40 8.36 8.89
CA ASN A 239 24.78 9.61 9.55
C ASN A 239 26.22 9.52 10.10
N LYS A 240 26.75 10.63 10.64
CA LYS A 240 28.10 10.73 11.20
C LYS A 240 28.49 9.55 12.13
N LYS A 241 27.57 9.13 13.03
CA LYS A 241 27.82 8.04 13.99
C LYS A 241 27.69 6.63 13.35
N GLY A 242 27.27 6.55 12.09
CA GLY A 242 27.14 5.30 11.36
C GLY A 242 25.80 4.59 11.41
N PHE A 243 24.79 5.25 11.99
CA PHE A 243 23.43 4.70 12.11
C PHE A 243 22.55 4.97 10.90
N PRO A 244 21.57 4.07 10.58
CA PRO A 244 20.68 4.35 9.43
C PRO A 244 19.70 5.48 9.68
N VAL A 245 19.63 6.43 8.76
CA VAL A 245 18.73 7.58 8.82
C VAL A 245 18.05 7.81 7.44
N LEU A 246 17.06 8.72 7.37
CA LEU A 246 16.37 9.04 6.13
C LEU A 246 16.61 10.49 5.72
N SER A 247 16.54 10.76 4.41
CA SER A 247 16.65 12.10 3.84
C SER A 247 15.46 12.93 4.37
N LYS A 248 15.58 14.27 4.34
CA LYS A 248 14.52 15.18 4.82
C LYS A 248 13.20 14.96 4.09
N MET A 249 13.26 14.66 2.77
CA MET A 249 12.08 14.40 1.95
C MET A 249 11.39 13.08 2.31
N HIS A 250 12.19 12.05 2.66
CA HIS A 250 11.70 10.76 3.12
C HIS A 250 11.02 10.93 4.47
N GLN A 251 11.59 11.82 5.33
CA GLN A 251 11.02 12.17 6.65
C GLN A 251 9.64 12.83 6.50
N ARG A 252 9.49 13.73 5.51
CA ARG A 252 8.25 14.44 5.19
C ARG A 252 7.17 13.43 4.82
N LEU A 253 7.53 12.42 3.98
CA LEU A 253 6.62 11.37 3.56
C LEU A 253 6.21 10.47 4.73
N ILE A 254 7.16 10.11 5.64
CA ILE A 254 6.88 9.30 6.84
C ILE A 254 5.81 10.00 7.67
N PHE A 255 5.98 11.34 7.93
CA PHE A 255 5.04 12.15 8.71
C PHE A 255 3.63 12.19 8.09
N ARG A 256 3.52 12.26 6.73
CA ARG A 256 2.22 12.22 6.02
C ARG A 256 1.57 10.83 6.21
N LEU A 257 2.37 9.73 6.12
CA LEU A 257 1.91 8.35 6.32
C LEU A 257 1.49 8.06 7.77
N LEU A 258 2.19 8.68 8.76
CA LEU A 258 1.83 8.57 10.18
C LEU A 258 0.45 9.20 10.41
N LYS A 259 0.12 10.30 9.69
CA LYS A 259 -1.20 10.96 9.76
C LYS A 259 -2.34 10.01 9.29
N LEU A 260 -2.03 9.09 8.37
CA LEU A 260 -2.96 8.07 7.88
C LEU A 260 -2.96 6.79 8.75
N GLU A 261 -2.11 6.74 9.80
CA GLU A 261 -1.96 5.62 10.75
C GLU A 261 -1.64 4.27 10.07
N VAL A 262 -0.78 4.30 9.05
CA VAL A 262 -0.37 3.11 8.31
C VAL A 262 0.57 2.25 9.15
N GLN A 263 0.64 0.96 8.80
CA GLN A 263 1.58 0.07 9.46
C GLN A 263 2.91 0.13 8.66
N PHE A 264 4.04 0.23 9.34
CA PHE A 264 5.35 0.35 8.67
C PHE A 264 6.05 -0.99 8.60
N ILE A 265 6.53 -1.34 7.39
CA ILE A 265 7.21 -2.62 7.18
C ILE A 265 8.68 -2.42 6.79
N ILE A 266 9.61 -3.03 7.56
CA ILE A 266 11.04 -2.96 7.23
C ILE A 266 11.39 -4.23 6.45
N THR A 267 11.88 -4.05 5.22
CA THR A 267 12.30 -5.14 4.34
C THR A 267 13.79 -5.03 4.03
N GLY A 268 14.41 -6.16 3.70
CA GLY A 268 15.81 -6.21 3.30
C GLY A 268 16.80 -6.59 4.38
N THR A 269 18.05 -6.83 3.96
CA THR A 269 19.14 -7.20 4.85
C THR A 269 19.75 -5.98 5.55
N ASN A 270 20.59 -6.22 6.55
CA ASN A 270 21.26 -5.17 7.28
C ASN A 270 22.36 -4.56 6.40
N HIS A 271 22.22 -3.27 6.03
CA HIS A 271 23.22 -2.53 5.24
C HIS A 271 24.08 -1.61 6.12
N HIS A 272 23.90 -1.70 7.45
CA HIS A 272 24.66 -0.94 8.45
C HIS A 272 25.22 -1.96 9.46
N SER A 273 26.01 -2.91 8.92
CA SER A 273 26.61 -4.09 9.58
C SER A 273 27.20 -3.83 10.97
N GLU A 274 27.88 -2.68 11.15
CA GLU A 274 28.51 -2.27 12.43
C GLU A 274 27.47 -2.10 13.55
N LYS A 275 26.19 -1.87 13.16
CA LYS A 275 25.07 -1.64 14.05
C LYS A 275 24.10 -2.81 14.12
N GLU A 276 23.34 -2.91 15.22
CA GLU A 276 22.31 -3.92 15.39
C GLU A 276 21.19 -3.59 14.40
N PHE A 277 20.50 -4.62 13.89
CA PHE A 277 19.44 -4.41 12.91
C PHE A 277 18.28 -3.56 13.46
N CYS A 278 18.00 -3.62 14.79
CA CYS A 278 16.92 -2.86 15.42
C CYS A 278 17.06 -1.33 15.28
N SER A 279 18.26 -0.85 14.85
CA SER A 279 18.53 0.56 14.61
C SER A 279 17.63 1.19 13.51
N TYR A 280 17.16 0.40 12.51
CA TYR A 280 16.24 0.85 11.46
C TYR A 280 14.90 1.18 12.09
N LEU A 281 14.44 0.31 13.01
CA LEU A 281 13.19 0.45 13.75
C LEU A 281 13.31 1.55 14.81
N GLN A 282 14.46 1.63 15.50
CA GLN A 282 14.70 2.67 16.51
C GLN A 282 14.56 4.08 15.88
N TYR A 283 15.11 4.28 14.66
CA TYR A 283 15.03 5.53 13.92
C TYR A 283 13.58 5.90 13.58
N LEU A 284 12.81 4.91 13.09
CA LEU A 284 11.41 5.01 12.72
C LEU A 284 10.58 5.44 13.94
N GLU A 285 10.83 4.80 15.11
CA GLU A 285 10.19 5.07 16.41
C GLU A 285 10.56 6.49 16.91
N TYR A 286 11.79 6.95 16.61
CA TYR A 286 12.26 8.30 16.92
C TYR A 286 11.43 9.33 16.14
N LEU A 287 11.24 9.13 14.79
CA LEU A 287 10.43 10.01 13.94
C LEU A 287 8.98 10.06 14.42
N SER A 288 8.42 8.91 14.84
CA SER A 288 7.05 8.78 15.35
C SER A 288 6.88 9.63 16.62
N GLN A 289 7.86 9.54 17.55
CA GLN A 289 7.91 10.29 18.79
C GLN A 289 8.07 11.80 18.54
N ASN A 290 8.80 12.18 17.49
CA ASN A 290 9.10 13.58 17.20
C ASN A 290 8.30 14.16 16.06
N ARG A 291 7.07 13.68 15.91
CA ARG A 291 6.17 14.15 14.87
C ARG A 291 5.51 15.47 15.32
N PRO A 292 5.14 16.37 14.36
CA PRO A 292 4.44 17.61 14.75
C PRO A 292 3.18 17.31 15.56
N PRO A 293 2.96 18.00 16.71
CA PRO A 293 1.80 17.66 17.56
C PRO A 293 0.43 18.02 16.96
N PRO A 294 -0.67 17.37 17.42
CA PRO A 294 -1.99 17.70 16.84
C PRO A 294 -2.71 18.85 17.55
N ASN A 295 -3.42 19.71 16.76
CA ASN A 295 -4.18 20.86 17.26
C ASN A 295 -5.44 20.46 18.03
N ALA A 296 -6.18 21.44 18.60
CA ALA A 296 -7.41 21.22 19.36
C ALA A 296 -8.54 20.60 18.51
N TYR A 297 -8.54 20.89 17.19
CA TYR A 297 -9.53 20.35 16.24
C TYR A 297 -9.20 18.88 15.96
N GLU A 298 -7.91 18.58 15.61
CA GLU A 298 -7.38 17.23 15.35
C GLU A 298 -7.59 16.32 16.57
N LEU A 299 -7.54 16.90 17.79
CA LEU A 299 -7.76 16.23 19.07
C LEU A 299 -9.25 15.92 19.29
N PHE A 300 -10.14 16.87 18.89
CA PHE A 300 -11.60 16.71 19.02
C PHE A 300 -12.12 15.70 17.98
N ALA A 301 -11.68 15.86 16.72
CA ALA A 301 -12.06 15.06 15.54
C ALA A 301 -11.58 13.61 15.61
N LYS A 302 -10.56 13.31 16.46
CA LYS A 302 -9.97 11.97 16.70
C LYS A 302 -11.09 10.94 16.96
N GLY A 303 -11.11 9.90 16.15
CA GLY A 303 -12.12 8.85 16.20
C GLY A 303 -13.25 9.06 15.20
N TYR A 304 -13.34 10.27 14.61
CA TYR A 304 -14.38 10.60 13.64
C TYR A 304 -13.90 10.64 12.19
N GLU A 305 -12.58 10.40 11.96
CA GLU A 305 -11.92 10.40 10.64
C GLU A 305 -12.65 9.47 9.66
N ASP A 306 -13.19 10.04 8.56
CA ASP A 306 -13.96 9.37 7.49
C ASP A 306 -15.18 8.54 7.98
N TYR A 307 -15.69 8.87 9.17
CA TYR A 307 -16.86 8.25 9.75
C TYR A 307 -18.11 9.00 9.24
N LEU A 308 -18.96 8.34 8.44
CA LEU A 308 -20.15 8.97 7.85
C LEU A 308 -21.30 9.12 8.84
N GLN A 309 -21.94 10.31 8.83
CA GLN A 309 -23.08 10.62 9.71
C GLN A 309 -24.21 11.26 8.93
N SER A 310 -25.46 11.04 9.37
CA SER A 310 -26.64 11.67 8.80
C SER A 310 -26.62 13.12 9.29
N PRO A 311 -26.76 14.12 8.37
CA PRO A 311 -26.81 15.52 8.83
C PRO A 311 -28.03 15.70 9.75
N LEU A 312 -27.87 16.46 10.83
CA LEU A 312 -28.95 16.71 11.78
C LEU A 312 -30.03 17.58 11.14
N GLN A 313 -31.29 17.30 11.50
CA GLN A 313 -32.46 18.04 11.03
C GLN A 313 -33.22 18.62 12.25
N PRO A 314 -32.70 19.72 12.88
CA PRO A 314 -33.35 20.28 14.09
C PRO A 314 -34.74 20.86 13.89
N LEU A 315 -35.17 21.08 12.64
CA LEU A 315 -36.52 21.56 12.40
C LEU A 315 -37.50 20.37 12.43
N MET A 316 -37.20 19.31 11.67
CA MET A 316 -38.03 18.10 11.58
C MET A 316 -37.99 17.26 12.87
N ASP A 317 -36.80 17.15 13.53
CA ASP A 317 -36.66 16.35 14.73
C ASP A 317 -36.37 17.17 15.97
N ASN A 318 -36.75 16.65 17.14
CA ASN A 318 -36.45 17.31 18.41
C ASN A 318 -35.11 16.74 18.88
N LEU A 319 -34.05 17.59 18.97
CA LEU A 319 -32.71 17.16 19.36
C LEU A 319 -32.64 16.72 20.81
N GLU A 320 -31.86 15.67 21.07
CA GLU A 320 -31.64 15.11 22.42
C GLU A 320 -30.79 16.08 23.22
N SER A 321 -30.89 16.01 24.57
CA SER A 321 -30.14 16.81 25.55
C SER A 321 -28.60 16.81 25.29
N GLN A 322 -28.02 15.63 24.97
CA GLN A 322 -26.58 15.48 24.74
C GLN A 322 -26.08 16.07 23.42
N THR A 323 -26.98 16.29 22.42
CA THR A 323 -26.64 16.95 21.16
C THR A 323 -26.44 18.45 21.47
N TYR A 324 -27.31 19.01 22.35
CA TYR A 324 -27.24 20.41 22.78
C TYR A 324 -25.99 20.63 23.61
N GLU A 325 -25.64 19.66 24.48
CA GLU A 325 -24.45 19.70 25.31
C GLU A 325 -23.20 19.77 24.42
N VAL A 326 -23.16 18.95 23.34
CA VAL A 326 -22.07 18.93 22.37
C VAL A 326 -21.91 20.30 21.69
N PHE A 327 -23.02 20.95 21.24
CA PHE A 327 -23.02 22.31 20.65
C PHE A 327 -22.44 23.35 21.61
N GLU A 328 -22.77 23.22 22.90
CA GLU A 328 -22.37 24.12 23.96
C GLU A 328 -20.89 24.03 24.33
N LYS A 329 -20.19 22.96 23.91
CA LYS A 329 -18.76 22.72 24.17
C LYS A 329 -17.83 23.64 23.33
N ASP A 330 -18.38 24.30 22.26
CA ASP A 330 -17.69 25.21 21.34
C ASP A 330 -17.72 26.67 21.86
N PRO A 331 -16.68 27.15 22.57
CA PRO A 331 -16.73 28.51 23.10
C PRO A 331 -16.54 29.62 22.05
N ILE A 332 -15.76 29.30 20.97
CA ILE A 332 -15.45 30.20 19.84
C ILE A 332 -16.75 30.69 19.19
N LYS A 333 -17.69 29.77 18.90
CA LYS A 333 -18.97 30.07 18.26
C LYS A 333 -19.79 31.09 19.04
N TYR A 334 -19.95 30.89 20.38
CA TYR A 334 -20.71 31.82 21.20
C TYR A 334 -19.97 33.14 21.44
N SER A 335 -18.63 33.13 21.58
CA SER A 335 -17.87 34.38 21.75
C SER A 335 -17.97 35.25 20.46
N GLN A 336 -18.09 34.60 19.27
CA GLN A 336 -18.30 35.29 17.99
C GLN A 336 -19.70 35.91 17.96
N TYR A 337 -20.73 35.16 18.41
CA TYR A 337 -22.09 35.67 18.48
C TYR A 337 -22.21 36.84 19.44
N GLN A 338 -21.59 36.73 20.63
CA GLN A 338 -21.55 37.78 21.64
C GLN A 338 -20.88 39.06 21.06
N GLN A 339 -19.73 38.91 20.39
CA GLN A 339 -19.00 40.04 19.81
C GLN A 339 -19.82 40.79 18.75
N ALA A 340 -20.59 40.03 17.94
CA ALA A 340 -21.47 40.53 16.89
C ALA A 340 -22.63 41.32 17.49
N ILE A 341 -23.27 40.76 18.56
CA ILE A 341 -24.40 41.40 19.26
C ILE A 341 -23.89 42.67 19.96
N TYR A 342 -22.71 42.58 20.62
CA TYR A 342 -22.04 43.72 21.28
C TYR A 342 -21.83 44.88 20.30
N LYS A 343 -21.35 44.59 19.06
CA LYS A 343 -21.08 45.58 18.00
C LYS A 343 -22.36 46.20 17.43
N CYS A 344 -23.41 45.39 17.27
CA CYS A 344 -24.70 45.82 16.75
C CYS A 344 -25.44 46.74 17.72
N LEU A 345 -25.35 46.45 19.05
CA LEU A 345 -25.98 47.24 20.11
C LEU A 345 -25.38 48.64 20.19
N LEU A 346 -24.05 48.76 20.01
CA LEU A 346 -23.38 50.08 20.00
C LEU A 346 -23.74 50.93 18.78
N ASP A 347 -24.02 50.27 17.62
CA ASP A 347 -24.39 50.95 16.38
C ASP A 347 -25.86 51.43 16.38
N ARG A 348 -26.73 50.78 17.17
CA ARG A 348 -28.16 51.10 17.23
C ARG A 348 -28.53 52.10 18.33
N VAL A 349 -27.77 52.11 19.44
CA VAL A 349 -28.03 52.97 20.60
C VAL A 349 -26.78 53.78 21.00
N PRO A 350 -26.80 55.13 20.81
CA PRO A 350 -25.66 55.95 21.23
C PRO A 350 -25.64 56.17 22.77
N GLU A 351 -24.49 56.64 23.32
CA GLU A 351 -24.26 56.91 24.76
C GLU A 351 -25.37 57.68 25.47
N GLU A 352 -25.86 58.76 24.84
CA GLU A 352 -26.95 59.61 25.36
C GLU A 352 -28.27 58.85 25.63
N GLU A 353 -28.54 57.81 24.81
CA GLU A 353 -29.77 56.99 24.91
C GLU A 353 -29.60 55.70 25.72
N LYS A 354 -28.36 55.34 26.12
CA LYS A 354 -27.97 54.09 26.81
C LYS A 354 -28.86 53.70 28.03
N ASP A 355 -29.38 54.70 28.79
CA ASP A 355 -30.20 54.51 30.00
C ASP A 355 -31.72 54.55 29.74
N THR A 356 -32.15 55.05 28.56
CA THR A 356 -33.58 55.16 28.19
C THR A 356 -34.02 54.13 27.13
N ASN A 357 -33.20 53.92 26.07
CA ASN A 357 -33.47 53.03 24.92
C ASN A 357 -33.24 51.53 25.22
N VAL A 358 -34.34 50.75 25.28
CA VAL A 358 -34.31 49.30 25.52
C VAL A 358 -34.48 48.55 24.18
N GLN A 359 -33.43 47.87 23.73
CA GLN A 359 -33.42 47.10 22.48
C GLN A 359 -34.12 45.73 22.58
N VAL A 360 -35.14 45.49 21.72
CA VAL A 360 -35.86 44.20 21.70
C VAL A 360 -35.03 43.18 20.92
N LEU A 361 -34.59 42.12 21.59
CA LEU A 361 -33.77 41.04 21.03
C LEU A 361 -34.50 39.71 21.08
N MET A 362 -34.62 39.08 19.93
CA MET A 362 -35.30 37.79 19.87
C MET A 362 -34.35 36.71 19.42
N VAL A 363 -34.10 35.73 20.30
CA VAL A 363 -33.29 34.55 19.99
C VAL A 363 -34.29 33.52 19.41
N LEU A 364 -34.16 33.25 18.11
CA LEU A 364 -35.03 32.36 17.32
C LEU A 364 -34.34 31.00 17.16
N GLY A 365 -34.83 30.04 17.96
CA GLY A 365 -34.28 28.70 18.10
C GLY A 365 -33.26 28.72 19.22
N ALA A 366 -33.71 29.08 20.42
CA ALA A 366 -32.88 29.31 21.61
C ALA A 366 -32.24 28.05 22.24
N GLY A 367 -32.68 26.86 21.82
CA GLY A 367 -32.19 25.58 22.33
C GLY A 367 -32.27 25.54 23.84
N ARG A 368 -31.12 25.27 24.50
CA ARG A 368 -31.03 25.24 25.96
C ARG A 368 -30.66 26.63 26.57
N GLY A 369 -30.42 27.61 25.71
CA GLY A 369 -30.15 28.99 26.07
C GLY A 369 -28.77 29.60 25.93
N PRO A 370 -27.72 28.96 25.32
CA PRO A 370 -26.39 29.61 25.27
C PRO A 370 -26.34 30.95 24.53
N LEU A 371 -27.21 31.16 23.50
CA LEU A 371 -27.31 32.41 22.74
C LEU A 371 -27.99 33.51 23.57
N VAL A 372 -28.97 33.12 24.42
CA VAL A 372 -29.68 34.00 25.38
C VAL A 372 -28.64 34.57 26.36
N ASN A 373 -27.74 33.69 26.87
CA ASN A 373 -26.67 34.10 27.79
C ASN A 373 -25.63 34.95 27.06
N ALA A 374 -25.37 34.65 25.77
CA ALA A 374 -24.41 35.41 24.94
C ALA A 374 -24.93 36.83 24.68
N SER A 375 -26.27 36.98 24.44
CA SER A 375 -26.93 38.27 24.25
C SER A 375 -26.87 39.12 25.53
N LEU A 376 -27.02 38.47 26.71
CA LEU A 376 -26.99 39.12 28.03
C LEU A 376 -25.60 39.62 28.36
N ARG A 377 -24.56 38.81 28.06
CA ARG A 377 -23.16 39.17 28.26
C ARG A 377 -22.78 40.31 27.32
N ALA A 378 -23.32 40.27 26.07
CA ALA A 378 -23.09 41.29 25.04
C ALA A 378 -23.65 42.65 25.47
N ALA A 379 -24.87 42.66 26.05
CA ALA A 379 -25.56 43.86 26.55
C ALA A 379 -24.81 44.48 27.74
N LYS A 380 -24.25 43.64 28.65
CA LYS A 380 -23.47 44.10 29.80
C LYS A 380 -22.14 44.69 29.31
N GLN A 381 -21.54 44.08 28.28
CA GLN A 381 -20.29 44.52 27.65
C GLN A 381 -20.51 45.87 26.97
N ALA A 382 -21.59 46.00 26.17
CA ALA A 382 -21.96 47.20 25.44
C ALA A 382 -22.48 48.32 26.35
N ASP A 383 -22.85 47.98 27.60
CA ASP A 383 -23.46 48.89 28.58
C ASP A 383 -24.76 49.48 27.97
N ARG A 384 -25.57 48.57 27.42
CA ARG A 384 -26.84 48.88 26.78
C ARG A 384 -27.95 47.99 27.35
N ARG A 385 -29.20 48.47 27.29
CA ARG A 385 -30.38 47.77 27.85
C ARG A 385 -31.09 46.92 26.80
N ILE A 386 -31.33 45.63 27.13
CA ILE A 386 -32.03 44.72 26.23
C ILE A 386 -33.26 44.07 26.90
N LYS A 387 -34.25 43.73 26.07
CA LYS A 387 -35.46 42.98 26.43
C LYS A 387 -35.38 41.72 25.54
N LEU A 388 -35.32 40.53 26.16
CA LEU A 388 -35.17 39.27 25.44
C LEU A 388 -36.42 38.40 25.30
N TYR A 389 -36.56 37.77 24.14
CA TYR A 389 -37.55 36.75 23.84
C TYR A 389 -36.76 35.55 23.40
N ALA A 390 -36.99 34.38 24.02
CA ALA A 390 -36.31 33.12 23.69
C ALA A 390 -37.32 32.15 23.09
N VAL A 391 -37.34 32.05 21.75
CA VAL A 391 -38.26 31.23 20.97
C VAL A 391 -37.64 29.86 20.69
N GLU A 392 -38.36 28.79 21.05
CA GLU A 392 -37.95 27.41 20.88
C GLU A 392 -39.14 26.51 20.64
N LYS A 393 -39.10 25.72 19.56
CA LYS A 393 -40.17 24.78 19.20
C LYS A 393 -40.03 23.44 19.92
N ASN A 394 -38.79 23.05 20.27
CA ASN A 394 -38.54 21.76 20.94
C ASN A 394 -39.03 21.85 22.41
N PRO A 395 -40.16 21.17 22.79
CA PRO A 395 -40.71 21.33 24.15
C PRO A 395 -39.85 20.81 25.28
N ASN A 396 -38.93 19.88 24.95
CA ASN A 396 -37.96 19.29 25.86
C ASN A 396 -36.90 20.35 26.20
N ALA A 397 -36.40 21.12 25.19
CA ALA A 397 -35.46 22.25 25.37
C ALA A 397 -36.17 23.39 26.14
N VAL A 398 -37.48 23.58 25.92
CA VAL A 398 -38.31 24.55 26.64
C VAL A 398 -38.32 24.24 28.18
N VAL A 399 -38.16 22.97 28.59
CA VAL A 399 -38.09 22.61 30.01
C VAL A 399 -36.82 23.27 30.59
N THR A 400 -35.67 23.09 29.90
CA THR A 400 -34.38 23.67 30.28
C THR A 400 -34.50 25.20 30.38
N LEU A 401 -35.10 25.83 29.34
CA LEU A 401 -35.30 27.28 29.21
C LEU A 401 -36.11 27.89 30.33
N GLU A 402 -37.31 27.31 30.63
CA GLU A 402 -38.23 27.78 31.66
C GLU A 402 -37.67 27.60 33.06
N ASN A 403 -36.80 26.60 33.27
CA ASN A 403 -36.12 26.43 34.54
C ASN A 403 -35.00 27.49 34.71
N TRP A 404 -34.24 27.79 33.63
CA TRP A 404 -33.19 28.82 33.61
C TRP A 404 -33.80 30.19 33.84
N GLN A 405 -34.93 30.48 33.15
CA GLN A 405 -35.68 31.73 33.26
C GLN A 405 -36.09 31.98 34.73
N PHE A 406 -36.75 30.99 35.37
CA PHE A 406 -37.21 31.13 36.73
C PHE A 406 -36.07 31.26 37.76
N GLU A 407 -35.02 30.44 37.61
CA GLU A 407 -33.92 30.40 38.57
C GLU A 407 -32.90 31.56 38.43
N GLU A 408 -32.57 31.98 37.19
CA GLU A 408 -31.53 32.98 36.90
C GLU A 408 -31.94 34.21 36.07
N TRP A 409 -32.54 34.02 34.87
CA TRP A 409 -32.85 35.13 33.97
C TRP A 409 -33.85 36.16 34.51
N GLY A 410 -34.97 35.70 35.06
CA GLY A 410 -36.03 36.58 35.55
C GLY A 410 -36.87 37.16 34.42
N SER A 411 -37.62 38.23 34.73
CA SER A 411 -38.54 38.93 33.82
C SER A 411 -37.90 39.50 32.54
N GLN A 412 -36.58 39.74 32.52
CA GLN A 412 -35.84 40.26 31.36
C GLN A 412 -35.97 39.34 30.13
N VAL A 413 -36.15 38.02 30.37
CA VAL A 413 -36.31 36.98 29.36
C VAL A 413 -37.72 36.38 29.38
N THR A 414 -38.39 36.40 28.22
CA THR A 414 -39.69 35.78 28.02
C THR A 414 -39.44 34.53 27.17
N VAL A 415 -39.65 33.35 27.76
CA VAL A 415 -39.51 32.06 27.06
C VAL A 415 -40.80 31.80 26.26
N VAL A 416 -40.65 31.54 24.94
CA VAL A 416 -41.75 31.27 24.02
C VAL A 416 -41.63 29.86 23.42
N SER A 417 -42.59 29.00 23.74
CA SER A 417 -42.67 27.63 23.23
C SER A 417 -43.48 27.68 21.93
N SER A 418 -42.78 27.91 20.79
CA SER A 418 -43.43 28.07 19.50
C SER A 418 -42.48 27.92 18.33
N ASP A 419 -43.05 27.56 17.16
CA ASP A 419 -42.33 27.57 15.91
C ASP A 419 -42.24 29.07 15.55
N MET A 420 -41.05 29.56 15.18
CA MET A 420 -40.86 30.97 14.85
C MET A 420 -41.76 31.44 13.68
N ARG A 421 -42.13 30.53 12.75
CA ARG A 421 -42.98 30.80 11.59
C ARG A 421 -44.48 30.93 11.96
N GLU A 422 -44.88 30.36 13.11
CA GLU A 422 -46.26 30.39 13.57
C GLU A 422 -46.51 31.44 14.64
N TRP A 423 -45.45 31.84 15.37
CA TRP A 423 -45.52 32.77 16.49
C TRP A 423 -46.05 34.17 16.17
N VAL A 424 -47.05 34.61 16.97
CA VAL A 424 -47.65 35.94 16.92
C VAL A 424 -46.89 36.71 18.02
N ALA A 425 -46.01 37.63 17.61
CA ALA A 425 -45.19 38.41 18.52
C ALA A 425 -45.95 39.60 19.14
N PRO A 426 -45.79 39.85 20.48
CA PRO A 426 -46.47 41.01 21.08
C PRO A 426 -45.86 42.34 20.65
N GLU A 427 -44.53 42.37 20.43
CA GLU A 427 -43.71 43.51 20.00
C GLU A 427 -42.91 43.17 18.73
N LYS A 428 -42.30 44.19 18.11
CA LYS A 428 -41.39 44.03 16.96
C LYS A 428 -39.95 44.07 17.46
N ALA A 429 -39.04 43.29 16.86
CA ALA A 429 -37.64 43.19 17.28
C ALA A 429 -36.69 44.12 16.57
N ASP A 430 -35.71 44.66 17.32
CA ASP A 430 -34.63 45.50 16.82
C ASP A 430 -33.58 44.57 16.24
N ILE A 431 -33.34 43.44 16.93
CA ILE A 431 -32.39 42.39 16.55
C ILE A 431 -33.00 41.00 16.72
N ILE A 432 -32.86 40.16 15.67
CA ILE A 432 -33.20 38.74 15.71
C ILE A 432 -31.86 37.98 15.64
N VAL A 433 -31.62 37.07 16.60
CA VAL A 433 -30.40 36.26 16.70
C VAL A 433 -30.78 34.78 16.50
N SER A 434 -30.02 34.04 15.66
CA SER A 434 -30.30 32.62 15.43
C SER A 434 -29.03 31.87 15.08
N GLU A 435 -29.08 30.54 15.24
CA GLU A 435 -28.01 29.64 14.86
C GLU A 435 -28.69 28.38 14.27
N LEU A 436 -29.23 28.55 13.07
CA LEU A 436 -29.99 27.53 12.34
C LEU A 436 -29.21 26.95 11.18
N LEU A 437 -27.88 27.06 11.23
CA LEU A 437 -26.99 26.67 10.15
C LEU A 437 -26.43 25.27 10.21
N GLY A 438 -26.45 24.62 9.05
CA GLY A 438 -25.88 23.29 8.88
C GLY A 438 -24.47 23.41 8.32
N SER A 439 -23.83 22.29 8.02
CA SER A 439 -22.48 22.23 7.43
C SER A 439 -22.47 22.76 5.98
N PHE A 440 -23.66 22.78 5.32
CA PHE A 440 -23.77 23.33 3.96
C PHE A 440 -24.58 24.66 4.04
N ALA A 441 -24.48 25.32 5.22
CA ALA A 441 -25.15 26.56 5.65
C ALA A 441 -26.69 26.44 5.74
N ASP A 442 -27.38 26.38 4.58
CA ASP A 442 -28.84 26.44 4.48
C ASP A 442 -29.57 25.07 4.55
N ASN A 443 -28.84 23.99 4.82
CA ASN A 443 -29.37 22.62 4.82
C ASN A 443 -30.21 22.26 6.08
N GLU A 444 -30.26 23.16 7.09
CA GLU A 444 -31.16 22.97 8.25
C GLU A 444 -32.40 23.82 8.07
N LEU A 445 -32.50 24.50 6.91
CA LEU A 445 -33.63 25.35 6.47
C LEU A 445 -33.70 26.68 7.23
N SER A 446 -32.53 27.25 7.56
CA SER A 446 -32.41 28.58 8.14
C SER A 446 -33.11 29.64 7.23
N PRO A 447 -33.02 29.60 5.85
CA PRO A 447 -33.76 30.61 5.06
C PRO A 447 -35.27 30.59 5.27
N GLU A 448 -35.91 29.40 5.24
CA GLU A 448 -37.36 29.22 5.43
C GLU A 448 -37.83 29.70 6.81
N CYS A 449 -37.05 29.35 7.88
CA CYS A 449 -37.36 29.70 9.26
C CYS A 449 -37.31 31.20 9.45
N LEU A 450 -36.19 31.82 9.04
CA LEU A 450 -36.00 33.27 9.14
C LEU A 450 -36.99 34.07 8.26
N ASP A 451 -37.37 33.53 7.08
CA ASP A 451 -38.36 34.17 6.19
C ASP A 451 -39.73 34.26 6.88
N GLY A 452 -40.08 33.22 7.63
CA GLY A 452 -41.32 33.12 8.37
C GLY A 452 -41.38 34.02 9.60
N ALA A 453 -40.21 34.39 10.15
CA ALA A 453 -40.07 35.24 11.36
C ALA A 453 -39.80 36.71 11.05
N GLN A 454 -39.42 37.00 9.80
CA GLN A 454 -39.07 38.30 9.23
C GLN A 454 -40.08 39.43 9.53
N HIS A 455 -41.38 39.12 9.49
CA HIS A 455 -42.46 40.09 9.72
C HIS A 455 -42.47 40.77 11.11
N PHE A 456 -41.88 40.14 12.15
CA PHE A 456 -41.86 40.73 13.48
C PHE A 456 -40.53 41.41 13.80
N LEU A 457 -39.77 41.72 12.76
CA LEU A 457 -38.52 42.46 12.86
C LEU A 457 -38.88 43.88 12.39
N LYS A 458 -38.44 44.92 13.15
CA LYS A 458 -38.64 46.33 12.80
C LYS A 458 -38.06 46.62 11.39
N ASP A 459 -38.56 47.67 10.71
CA ASP A 459 -38.12 48.06 9.36
C ASP A 459 -36.61 48.26 9.26
N ASP A 460 -36.00 48.84 10.31
CA ASP A 460 -34.56 49.08 10.41
C ASP A 460 -33.87 47.94 11.18
N GLY A 461 -34.64 46.88 11.46
CA GLY A 461 -34.19 45.70 12.18
C GLY A 461 -33.04 44.93 11.58
N VAL A 462 -32.22 44.34 12.47
CA VAL A 462 -31.05 43.55 12.09
C VAL A 462 -31.24 42.04 12.38
N SER A 463 -30.77 41.20 11.45
CA SER A 463 -30.70 39.76 11.60
C SER A 463 -29.24 39.39 11.77
N ILE A 464 -28.95 38.61 12.81
CA ILE A 464 -27.63 38.05 13.13
C ILE A 464 -27.86 36.49 13.08
N PRO A 465 -27.41 35.77 12.03
CA PRO A 465 -26.57 36.21 10.90
C PRO A 465 -27.26 37.05 9.83
N GLY A 466 -26.48 37.94 9.24
CA GLY A 466 -26.94 38.80 8.14
C GLY A 466 -26.85 38.08 6.80
N GLU A 467 -25.89 37.15 6.67
CA GLU A 467 -25.67 36.43 5.42
C GLU A 467 -24.91 35.11 5.63
N TYR A 468 -25.12 34.15 4.70
CA TYR A 468 -24.35 32.90 4.66
C TYR A 468 -24.20 32.41 3.23
N THR A 469 -23.09 31.74 2.98
CA THR A 469 -22.67 31.23 1.66
C THR A 469 -22.12 29.82 1.79
N SER A 470 -22.63 28.90 0.96
CA SER A 470 -22.10 27.55 0.93
C SER A 470 -20.98 27.47 -0.13
N PHE A 471 -20.10 26.48 0.01
CA PHE A 471 -18.97 26.28 -0.90
C PHE A 471 -18.87 24.80 -1.24
N LEU A 472 -18.41 24.48 -2.46
CA LEU A 472 -18.19 23.10 -2.91
C LEU A 472 -16.76 22.95 -3.44
N ALA A 473 -16.19 21.75 -3.30
CA ALA A 473 -14.88 21.41 -3.87
C ALA A 473 -14.89 19.94 -4.32
N PRO A 474 -14.43 19.61 -5.56
CA PRO A 474 -14.42 18.21 -5.99
C PRO A 474 -13.36 17.42 -5.23
N ILE A 475 -13.66 16.16 -4.86
CA ILE A 475 -12.72 15.35 -4.09
C ILE A 475 -12.54 13.96 -4.67
N SER A 476 -11.35 13.41 -4.42
CA SER A 476 -11.01 12.04 -4.77
C SER A 476 -10.83 11.31 -3.45
N SER A 477 -11.49 10.18 -3.30
CA SER A 477 -11.35 9.32 -2.13
C SER A 477 -12.02 8.01 -2.38
N SER A 478 -11.19 7.00 -2.66
CA SER A 478 -11.66 5.64 -2.90
C SER A 478 -12.19 5.00 -1.63
N LYS A 479 -11.70 5.43 -0.43
CA LYS A 479 -12.13 4.95 0.91
C LYS A 479 -13.57 5.40 1.19
N LEU A 480 -13.85 6.70 1.02
CA LEU A 480 -15.17 7.30 1.23
C LEU A 480 -16.19 6.75 0.24
N TYR A 481 -15.77 6.53 -1.03
CA TYR A 481 -16.66 5.91 -2.04
C TYR A 481 -17.10 4.53 -1.54
N ASN A 482 -16.17 3.74 -1.00
CA ASN A 482 -16.40 2.41 -0.44
C ASN A 482 -17.30 2.47 0.81
N GLU A 483 -17.07 3.45 1.71
CA GLU A 483 -17.87 3.72 2.91
C GLU A 483 -19.34 4.06 2.54
N VAL A 484 -19.55 4.97 1.57
CA VAL A 484 -20.90 5.33 1.09
C VAL A 484 -21.60 4.09 0.51
N ARG A 485 -20.89 3.33 -0.34
CA ARG A 485 -21.38 2.11 -1.02
C ARG A 485 -21.97 1.11 -0.01
N ALA A 486 -21.24 0.86 1.09
CA ALA A 486 -21.62 0.00 2.20
C ALA A 486 -22.86 0.45 2.95
N CYS A 487 -23.42 1.66 2.65
CA CYS A 487 -24.65 2.15 3.30
C CYS A 487 -25.90 1.69 2.62
N ARG A 488 -25.84 0.67 1.74
CA ARG A 488 -27.04 0.11 1.10
C ARG A 488 -27.89 -0.50 2.20
N GLU A 489 -29.21 -0.25 2.12
CA GLU A 489 -30.13 -0.78 3.12
C GLU A 489 -31.21 -1.62 2.48
N LYS A 490 -31.79 -2.48 3.30
CA LYS A 490 -32.93 -3.32 2.98
C LYS A 490 -34.13 -2.36 2.80
N ASP A 491 -35.12 -2.75 2.01
CA ASP A 491 -36.41 -2.05 1.88
C ASP A 491 -36.37 -0.63 1.32
N ARG A 492 -35.33 -0.31 0.55
CA ARG A 492 -35.18 0.97 -0.13
C ARG A 492 -34.39 0.81 -1.42
N ASP A 493 -34.45 1.82 -2.29
CA ASP A 493 -33.71 1.89 -3.55
C ASP A 493 -32.27 1.41 -3.31
N PRO A 494 -31.78 0.44 -4.10
CA PRO A 494 -30.41 -0.08 -3.88
C PRO A 494 -29.26 0.94 -4.05
N GLU A 495 -29.54 2.13 -4.65
CA GLU A 495 -28.51 3.17 -4.85
C GLU A 495 -28.81 4.50 -4.05
N ALA A 496 -29.82 4.49 -3.16
CA ALA A 496 -30.28 5.62 -2.34
C ALA A 496 -29.15 6.33 -1.54
N GLN A 497 -28.19 5.53 -1.02
CA GLN A 497 -27.02 5.97 -0.24
C GLN A 497 -26.10 6.97 -1.01
N PHE A 498 -26.12 6.90 -2.35
CA PHE A 498 -25.30 7.81 -3.14
C PHE A 498 -26.03 9.14 -3.42
N GLU A 499 -27.33 9.18 -3.14
CA GLU A 499 -28.19 10.32 -3.41
C GLU A 499 -28.53 11.14 -2.17
N MET A 500 -27.61 11.12 -1.19
CA MET A 500 -27.81 11.87 0.04
C MET A 500 -26.51 12.42 0.57
N PRO A 501 -26.51 13.62 1.20
CA PRO A 501 -25.25 14.13 1.79
C PRO A 501 -24.91 13.44 3.12
N TYR A 502 -23.64 13.48 3.51
CA TYR A 502 -23.16 12.91 4.78
C TYR A 502 -22.29 13.94 5.48
N VAL A 503 -22.50 14.12 6.79
CA VAL A 503 -21.62 14.98 7.59
C VAL A 503 -20.44 14.06 7.92
N VAL A 504 -19.23 14.49 7.57
CA VAL A 504 -18.07 13.64 7.76
C VAL A 504 -16.80 14.44 7.90
N ARG A 505 -15.98 14.06 8.90
CA ARG A 505 -14.65 14.63 9.08
C ARG A 505 -13.74 13.91 8.02
N LEU A 506 -13.66 14.50 6.78
CA LEU A 506 -12.89 13.98 5.63
C LEU A 506 -11.41 13.86 6.00
N HIS A 507 -10.84 12.66 5.87
CA HIS A 507 -9.47 12.39 6.27
C HIS A 507 -8.61 11.81 5.12
N ASN A 508 -8.86 10.55 4.75
CA ASN A 508 -8.19 9.84 3.66
C ASN A 508 -8.89 10.25 2.32
N PHE A 509 -8.54 11.43 1.81
CA PHE A 509 -9.09 12.03 0.59
C PHE A 509 -8.08 12.99 -0.06
N HIS A 510 -8.46 13.52 -1.23
CA HIS A 510 -7.70 14.48 -2.00
C HIS A 510 -8.66 15.57 -2.55
N GLN A 511 -8.45 16.83 -2.18
CA GLN A 511 -9.25 17.94 -2.73
C GLN A 511 -8.66 18.25 -4.14
N LEU A 512 -9.50 18.12 -5.19
CA LEU A 512 -9.06 18.22 -6.60
C LEU A 512 -9.01 19.64 -7.19
N SER A 513 -9.71 20.59 -6.58
CA SER A 513 -9.74 21.98 -7.02
C SER A 513 -10.17 22.81 -5.84
N ALA A 514 -9.84 24.12 -5.83
CA ALA A 514 -10.19 25.07 -4.79
C ALA A 514 -11.73 25.23 -4.61
N PRO A 515 -12.23 25.36 -3.34
CA PRO A 515 -13.68 25.53 -3.14
C PRO A 515 -14.21 26.81 -3.77
N GLN A 516 -15.43 26.72 -4.34
CA GLN A 516 -16.09 27.86 -4.99
C GLN A 516 -17.46 28.10 -4.36
N PRO A 517 -17.98 29.36 -4.35
CA PRO A 517 -19.30 29.58 -3.73
C PRO A 517 -20.39 28.86 -4.49
N CYS A 518 -21.37 28.34 -3.74
CA CYS A 518 -22.48 27.64 -4.35
C CYS A 518 -23.75 28.49 -4.17
N PHE A 519 -24.38 28.47 -2.96
CA PHE A 519 -25.60 29.23 -2.71
C PHE A 519 -25.41 30.30 -1.62
N THR A 520 -26.05 31.47 -1.80
CA THR A 520 -26.01 32.57 -0.81
C THR A 520 -27.41 32.99 -0.37
N PHE A 521 -27.53 33.30 0.92
CA PHE A 521 -28.77 33.81 1.52
C PHE A 521 -28.49 35.04 2.36
N SER A 522 -29.43 36.01 2.35
CA SER A 522 -29.33 37.27 3.08
C SER A 522 -30.53 37.46 3.96
N HIS A 523 -30.32 38.10 5.12
CA HIS A 523 -31.38 38.33 6.10
C HIS A 523 -31.30 39.72 6.71
N PRO A 524 -32.40 40.50 6.67
CA PRO A 524 -33.71 40.16 6.07
C PRO A 524 -33.70 40.11 4.54
N ASN A 525 -34.69 39.38 3.99
CA ASN A 525 -34.94 39.16 2.59
C ASN A 525 -35.92 40.23 2.08
N ARG A 526 -35.36 41.40 1.73
CA ARG A 526 -36.10 42.58 1.22
C ARG A 526 -36.20 42.51 -0.31
N ASP A 527 -36.96 41.51 -0.77
CA ASP A 527 -37.21 41.18 -2.17
C ASP A 527 -38.69 40.81 -2.30
N PRO A 528 -39.43 41.33 -3.33
CA PRO A 528 -40.86 40.98 -3.43
C PRO A 528 -41.08 39.51 -3.86
N MET A 529 -40.23 39.04 -4.80
CA MET A 529 -40.25 37.69 -5.36
C MET A 529 -39.33 36.76 -4.55
N ILE A 530 -39.71 36.50 -3.28
CA ILE A 530 -38.94 35.60 -2.39
C ILE A 530 -38.98 34.16 -2.93
N ASP A 531 -37.80 33.67 -3.36
CA ASP A 531 -37.62 32.30 -3.82
C ASP A 531 -36.30 31.76 -3.30
N ASN A 532 -36.38 30.74 -2.44
CA ASN A 532 -35.25 30.05 -1.81
C ASN A 532 -34.72 28.93 -2.67
N ASN A 533 -35.35 28.69 -3.85
CA ASN A 533 -34.86 27.72 -4.82
C ASN A 533 -33.66 28.35 -5.54
N ARG A 534 -32.70 27.49 -5.94
CA ARG A 534 -31.46 27.91 -6.56
C ARG A 534 -30.95 26.88 -7.55
N TYR A 535 -30.17 27.36 -8.52
CA TYR A 535 -29.53 26.56 -9.57
C TYR A 535 -28.16 27.18 -9.84
N CYS A 536 -27.10 26.38 -9.64
CA CYS A 536 -25.71 26.84 -9.76
C CYS A 536 -24.87 25.95 -10.66
N THR A 537 -24.01 26.55 -11.49
CA THR A 537 -23.08 25.82 -12.36
C THR A 537 -21.65 26.16 -11.93
N LEU A 538 -20.89 25.16 -11.53
CA LEU A 538 -19.51 25.37 -11.08
C LEU A 538 -18.51 24.69 -11.99
N GLU A 539 -17.48 25.45 -12.40
CA GLU A 539 -16.37 24.97 -13.22
C GLU A 539 -15.06 24.88 -12.42
N PHE A 540 -14.62 23.65 -12.15
CA PHE A 540 -13.43 23.30 -11.38
C PHE A 540 -12.20 22.89 -12.23
N PRO A 541 -11.17 23.78 -12.39
CA PRO A 541 -9.98 23.37 -13.14
C PRO A 541 -9.18 22.35 -12.33
N VAL A 542 -8.85 21.23 -12.99
CA VAL A 542 -8.11 20.13 -12.37
C VAL A 542 -6.71 20.04 -13.03
N GLU A 543 -5.66 19.95 -12.18
CA GLU A 543 -4.24 19.96 -12.55
C GLU A 543 -3.51 18.60 -12.38
N VAL A 544 -4.25 17.53 -12.04
CA VAL A 544 -3.66 16.20 -11.86
C VAL A 544 -4.59 15.17 -12.51
N ASN A 545 -4.08 13.95 -12.78
CA ASN A 545 -4.86 12.83 -13.27
C ASN A 545 -5.47 12.23 -12.02
N THR A 546 -6.77 11.85 -12.03
CA THR A 546 -7.47 11.39 -10.81
C THR A 546 -8.81 10.70 -11.11
N VAL A 547 -9.56 10.40 -10.03
CA VAL A 547 -10.91 9.84 -10.00
C VAL A 547 -11.78 10.73 -9.10
N LEU A 548 -12.92 11.21 -9.62
CA LEU A 548 -13.87 12.02 -8.88
C LEU A 548 -14.88 11.10 -8.21
N HIS A 549 -14.97 11.18 -6.88
CA HIS A 549 -15.90 10.35 -6.09
C HIS A 549 -17.02 11.17 -5.42
N GLY A 550 -16.89 12.48 -5.45
CA GLY A 550 -17.87 13.37 -4.85
C GLY A 550 -17.42 14.79 -4.62
N PHE A 551 -18.23 15.52 -3.85
CA PHE A 551 -18.01 16.93 -3.56
C PHE A 551 -18.08 17.21 -2.08
N ALA A 552 -17.07 17.89 -1.57
CA ALA A 552 -16.99 18.33 -0.17
C ALA A 552 -17.70 19.68 -0.11
N GLY A 553 -18.52 19.87 0.90
CA GLY A 553 -19.22 21.12 1.12
C GLY A 553 -18.83 21.75 2.43
N TYR A 554 -18.75 23.09 2.42
CA TYR A 554 -18.38 23.94 3.54
C TYR A 554 -19.30 25.18 3.50
N PHE A 555 -19.14 26.08 4.46
CA PHE A 555 -19.90 27.31 4.48
C PHE A 555 -19.11 28.43 5.14
N GLU A 556 -19.63 29.66 4.97
CA GLU A 556 -19.13 30.89 5.59
C GLU A 556 -20.34 31.69 5.95
N THR A 557 -20.28 32.41 7.06
CA THR A 557 -21.38 33.27 7.46
C THR A 557 -20.91 34.58 8.00
N VAL A 558 -21.69 35.63 7.77
CA VAL A 558 -21.42 36.96 8.32
C VAL A 558 -22.45 37.14 9.43
N LEU A 559 -21.95 37.15 10.68
CA LEU A 559 -22.78 37.39 11.86
C LEU A 559 -23.18 38.84 11.90
N TYR A 560 -22.15 39.73 11.83
CA TYR A 560 -22.29 41.18 11.85
C TYR A 560 -20.98 41.83 11.44
N GLN A 561 -21.03 42.61 10.35
CA GLN A 561 -19.90 43.34 9.79
C GLN A 561 -18.69 42.41 9.49
N ASP A 562 -17.64 42.49 10.32
CA ASP A 562 -16.39 41.72 10.23
C ASP A 562 -16.40 40.48 11.15
N ILE A 563 -17.48 40.30 11.96
CA ILE A 563 -17.58 39.14 12.84
C ILE A 563 -18.16 37.96 12.05
N THR A 564 -17.31 36.97 11.74
CA THR A 564 -17.74 35.83 10.93
C THR A 564 -17.46 34.46 11.55
N LEU A 565 -18.01 33.44 10.89
CA LEU A 565 -17.81 32.03 11.19
C LEU A 565 -17.57 31.31 9.87
N SER A 566 -16.56 30.44 9.86
CA SER A 566 -16.22 29.71 8.65
C SER A 566 -15.73 28.30 8.91
N ILE A 567 -16.11 27.37 8.03
CA ILE A 567 -15.59 26.00 7.99
C ILE A 567 -14.89 25.77 6.62
N ARG A 568 -14.92 26.77 5.72
CA ARG A 568 -14.18 26.68 4.45
C ARG A 568 -12.67 26.61 4.86
N PRO A 569 -11.91 25.56 4.46
CA PRO A 569 -10.53 25.37 4.97
C PRO A 569 -9.59 26.57 4.95
N GLU A 570 -9.59 27.37 3.85
CA GLU A 570 -8.71 28.54 3.71
C GLU A 570 -9.05 29.71 4.67
N THR A 571 -10.28 29.74 5.20
CA THR A 571 -10.71 30.80 6.10
C THR A 571 -11.25 30.23 7.43
N HIS A 572 -11.04 28.91 7.69
CA HIS A 572 -11.57 28.20 8.86
C HIS A 572 -11.33 28.93 10.16
N SER A 573 -12.45 29.20 10.90
CA SER A 573 -12.47 29.86 12.20
C SER A 573 -11.59 29.07 13.16
N PRO A 574 -10.54 29.72 13.75
CA PRO A 574 -9.61 28.96 14.62
C PRO A 574 -10.26 28.32 15.85
N GLY A 575 -10.00 27.03 16.03
CA GLY A 575 -10.49 26.23 17.16
C GLY A 575 -11.99 25.98 17.24
N MET A 576 -12.72 26.17 16.14
CA MET A 576 -14.17 25.93 16.14
C MET A 576 -14.48 24.56 15.51
N PHE A 577 -15.05 23.67 16.34
CA PHE A 577 -15.37 22.29 15.98
C PHE A 577 -16.88 21.96 15.86
N SER A 578 -17.78 22.98 15.85
CA SER A 578 -19.24 22.71 15.75
C SER A 578 -19.69 22.03 14.44
N TRP A 579 -18.96 22.25 13.33
CA TRP A 579 -19.35 21.66 12.05
C TRP A 579 -18.20 20.99 11.35
N PHE A 580 -18.40 19.72 10.96
CA PHE A 580 -17.51 18.96 10.10
C PHE A 580 -17.97 19.22 8.67
N PRO A 581 -17.12 19.01 7.64
CA PRO A 581 -17.62 19.16 6.25
C PRO A 581 -18.78 18.23 5.88
N ILE A 582 -19.40 18.51 4.73
CA ILE A 582 -20.46 17.67 4.21
C ILE A 582 -19.91 17.00 2.94
N LEU A 583 -20.37 15.80 2.63
CA LEU A 583 -19.97 15.06 1.45
C LEU A 583 -21.20 14.79 0.58
N PHE A 584 -21.15 15.19 -0.69
CA PHE A 584 -22.17 14.87 -1.70
C PHE A 584 -21.53 13.81 -2.58
N PRO A 585 -21.95 12.53 -2.48
CA PRO A 585 -21.33 11.50 -3.33
C PRO A 585 -21.88 11.50 -4.75
N ILE A 586 -21.22 10.74 -5.64
CA ILE A 586 -21.70 10.41 -6.99
C ILE A 586 -21.75 8.88 -7.06
N LYS A 587 -22.77 8.36 -7.75
CA LYS A 587 -23.05 6.93 -7.96
C LYS A 587 -21.89 6.21 -8.65
N GLN A 588 -21.25 6.90 -9.59
CA GLN A 588 -20.19 6.33 -10.39
C GLN A 588 -18.96 7.17 -10.39
N PRO A 589 -17.79 6.56 -10.05
CA PRO A 589 -16.52 7.31 -10.13
C PRO A 589 -16.24 7.81 -11.55
N ILE A 590 -15.69 9.03 -11.65
CA ILE A 590 -15.42 9.67 -12.93
C ILE A 590 -13.94 9.95 -13.09
N THR A 591 -13.37 9.41 -14.16
CA THR A 591 -11.96 9.62 -14.51
C THR A 591 -11.77 11.08 -14.94
N VAL A 592 -10.73 11.74 -14.40
CA VAL A 592 -10.41 13.12 -14.74
C VAL A 592 -8.92 13.21 -15.13
N ARG A 593 -8.63 13.78 -16.30
CA ARG A 593 -7.25 13.94 -16.78
C ARG A 593 -6.74 15.31 -16.36
N GLU A 594 -5.40 15.45 -16.19
CA GLU A 594 -4.78 16.73 -15.87
C GLU A 594 -5.10 17.73 -16.99
N GLY A 595 -5.44 18.96 -16.62
CA GLY A 595 -5.82 20.00 -17.56
C GLY A 595 -7.32 20.08 -17.82
N GLN A 596 -8.07 19.04 -17.48
CA GLN A 596 -9.53 19.00 -17.68
C GLN A 596 -10.30 19.77 -16.60
N THR A 597 -11.51 20.25 -16.95
CA THR A 597 -12.39 20.96 -16.05
C THR A 597 -13.51 20.04 -15.54
N ILE A 598 -13.73 20.04 -14.22
CA ILE A 598 -14.87 19.33 -13.65
C ILE A 598 -16.02 20.35 -13.63
N CYS A 599 -17.13 20.03 -14.30
CA CYS A 599 -18.30 20.89 -14.23
C CYS A 599 -19.40 20.19 -13.42
N VAL A 600 -19.94 20.87 -12.40
CA VAL A 600 -21.01 20.35 -11.55
C VAL A 600 -22.19 21.34 -11.51
N ARG A 601 -23.40 20.79 -11.43
CA ARG A 601 -24.65 21.55 -11.35
C ARG A 601 -25.34 21.15 -10.07
N PHE A 602 -25.69 22.13 -9.22
CA PHE A 602 -26.40 21.88 -7.96
C PHE A 602 -27.68 22.70 -7.97
N TRP A 603 -28.76 22.08 -7.52
CA TRP A 603 -30.04 22.73 -7.38
C TRP A 603 -30.52 22.64 -5.96
N ARG A 604 -31.10 23.72 -5.46
CA ARG A 604 -31.81 23.70 -4.17
C ARG A 604 -33.29 23.77 -4.59
N CYS A 605 -34.06 22.72 -4.25
CA CYS A 605 -35.48 22.55 -4.59
C CYS A 605 -36.38 22.47 -3.40
N SER A 606 -37.68 22.70 -3.64
CA SER A 606 -38.71 22.71 -2.59
C SER A 606 -40.13 22.50 -3.09
N ASN A 607 -41.00 22.20 -2.14
CA ASN A 607 -42.44 22.16 -2.21
C ASN A 607 -42.88 22.74 -0.83
N SER A 608 -44.18 22.69 -0.52
CA SER A 608 -44.72 23.23 0.75
C SER A 608 -44.29 22.42 2.00
N LYS A 609 -43.90 21.13 1.80
CA LYS A 609 -43.56 20.22 2.89
C LYS A 609 -42.08 19.86 3.06
N LYS A 610 -41.27 19.87 1.97
CA LYS A 610 -39.87 19.42 1.93
C LYS A 610 -38.94 20.36 1.13
N VAL A 611 -37.64 20.32 1.44
CA VAL A 611 -36.57 21.04 0.75
C VAL A 611 -35.54 19.96 0.40
N TRP A 612 -34.85 20.07 -0.73
CA TRP A 612 -33.83 19.06 -1.06
C TRP A 612 -32.78 19.58 -2.03
N TYR A 613 -31.70 18.81 -2.18
CA TYR A 613 -30.70 19.16 -3.18
C TYR A 613 -30.76 18.12 -4.29
N GLU A 614 -30.44 18.56 -5.50
CA GLU A 614 -30.28 17.74 -6.69
C GLU A 614 -28.92 18.13 -7.25
N TRP A 615 -28.17 17.16 -7.83
CA TRP A 615 -26.87 17.46 -8.37
C TRP A 615 -26.49 16.55 -9.53
N ALA A 616 -25.65 17.06 -10.41
CA ALA A 616 -25.13 16.31 -11.56
C ALA A 616 -23.79 16.86 -12.05
N VAL A 617 -22.94 15.97 -12.54
CA VAL A 617 -21.67 16.30 -13.19
C VAL A 617 -22.02 16.30 -14.68
N THR A 618 -21.60 17.35 -15.41
CA THR A 618 -21.83 17.46 -16.85
C THR A 618 -20.49 17.40 -17.64
N ALA A 619 -19.34 17.61 -16.95
CA ALA A 619 -18.01 17.56 -17.56
C ALA A 619 -16.95 17.00 -16.60
N PRO A 620 -15.93 16.19 -17.05
CA PRO A 620 -15.62 15.78 -18.43
C PRO A 620 -16.65 14.85 -19.07
N VAL A 621 -17.43 14.14 -18.24
CA VAL A 621 -18.52 13.27 -18.68
C VAL A 621 -19.74 13.54 -17.80
N CYS A 622 -20.92 13.18 -18.30
CA CYS A 622 -22.17 13.33 -17.60
C CYS A 622 -22.39 12.21 -16.61
N SER A 623 -22.99 12.56 -15.49
CA SER A 623 -23.49 11.65 -14.48
C SER A 623 -25.02 11.69 -14.65
N ALA A 624 -25.72 10.86 -13.90
CA ALA A 624 -27.17 10.94 -13.85
C ALA A 624 -27.47 12.06 -12.85
N ILE A 625 -28.68 12.63 -12.94
CA ILE A 625 -29.13 13.61 -11.96
C ILE A 625 -29.39 12.84 -10.64
N HIS A 626 -28.67 13.21 -9.58
CA HIS A 626 -28.77 12.63 -8.25
C HIS A 626 -29.86 13.26 -7.43
N ASN A 627 -30.61 12.41 -6.72
CA ASN A 627 -31.75 12.70 -5.83
C ASN A 627 -32.90 13.48 -6.57
N PRO A 628 -33.33 13.04 -7.79
CA PRO A 628 -34.43 13.78 -8.45
C PRO A 628 -35.70 13.69 -7.63
N THR A 629 -36.39 14.85 -7.46
CA THR A 629 -37.65 15.01 -6.74
C THR A 629 -37.50 14.65 -5.24
N GLY A 630 -36.26 14.58 -4.76
CA GLY A 630 -35.97 14.22 -3.37
C GLY A 630 -36.38 12.81 -3.01
N ARG A 631 -36.30 11.88 -3.99
CA ARG A 631 -36.69 10.47 -3.85
C ARG A 631 -35.88 9.68 -2.80
N SER A 632 -34.63 10.09 -2.56
CA SER A 632 -33.71 9.44 -1.63
C SER A 632 -33.45 10.28 -0.36
N TYR A 633 -33.53 11.62 -0.48
CA TYR A 633 -33.21 12.53 0.61
C TYR A 633 -34.02 13.80 0.58
N THR A 634 -34.67 14.12 1.71
CA THR A 634 -35.43 15.38 1.89
C THR A 634 -35.15 16.00 3.25
N ILE A 635 -35.40 17.32 3.36
CA ILE A 635 -35.28 18.05 4.62
C ILE A 635 -36.70 18.52 4.94
N GLY A 636 -37.28 17.99 6.03
CA GLY A 636 -38.65 18.27 6.42
C GLY A 636 -38.92 19.68 6.86
N LEU A 637 -40.00 20.30 6.32
CA LEU A 637 -40.40 21.67 6.67
C LEU A 637 -41.33 21.78 7.92
N ALA B 23 28.98 -33.31 10.67
CA ALA B 23 28.37 -34.34 9.83
C ALA B 23 26.89 -34.54 10.19
N PRO B 24 25.93 -33.98 9.40
CA PRO B 24 24.50 -34.13 9.74
C PRO B 24 23.99 -35.58 9.68
N ALA B 25 23.19 -35.99 10.68
CA ALA B 25 22.60 -37.33 10.79
C ALA B 25 21.71 -37.67 9.59
N CYS B 26 21.06 -36.63 9.01
CA CYS B 26 20.17 -36.75 7.88
C CYS B 26 20.38 -35.65 6.84
N MET B 27 20.37 -36.04 5.55
CA MET B 27 20.48 -35.13 4.42
C MET B 27 19.05 -34.78 4.01
N GLU B 28 18.81 -33.49 3.74
CA GLU B 28 17.53 -32.90 3.33
C GLU B 28 17.05 -33.51 2.02
N ARG B 29 15.71 -33.66 1.84
CA ARG B 29 15.17 -34.32 0.65
C ARG B 29 15.50 -33.62 -0.68
N GLN B 30 15.30 -32.32 -0.76
CA GLN B 30 15.43 -31.59 -2.03
C GLN B 30 16.89 -31.27 -2.39
N LEU B 31 17.48 -32.18 -3.19
CA LEU B 31 18.84 -32.04 -3.70
C LEU B 31 18.82 -30.96 -4.77
N GLU B 32 19.70 -29.95 -4.61
CA GLU B 32 19.80 -28.76 -5.45
C GLU B 32 21.04 -28.69 -6.35
N ALA B 33 22.17 -29.29 -5.92
CA ALA B 33 23.40 -29.20 -6.70
C ALA B 33 24.30 -30.41 -6.63
N ALA B 34 24.98 -30.68 -7.75
CA ALA B 34 25.92 -31.78 -7.91
C ALA B 34 27.06 -31.28 -8.78
N ARG B 35 28.31 -31.31 -8.25
CA ARG B 35 29.50 -30.86 -8.98
C ARG B 35 30.70 -31.76 -8.66
N TYR B 36 31.31 -32.36 -9.69
CA TYR B 36 32.53 -33.18 -9.57
C TYR B 36 33.73 -32.25 -9.61
N ARG B 37 34.75 -32.52 -8.79
CA ARG B 37 36.00 -31.77 -8.87
C ARG B 37 36.99 -32.70 -9.61
N SER B 38 38.19 -32.22 -9.95
CA SER B 38 39.25 -32.91 -10.72
C SER B 38 39.49 -34.40 -10.40
N ASP B 39 39.66 -34.75 -9.11
CA ASP B 39 39.93 -36.14 -8.70
C ASP B 39 38.69 -37.08 -8.82
N GLY B 40 37.53 -36.53 -9.18
CA GLY B 40 36.29 -37.29 -9.33
C GLY B 40 35.41 -37.33 -8.09
N ALA B 41 35.77 -36.56 -7.04
CA ALA B 41 34.97 -36.46 -5.81
C ALA B 41 33.77 -35.57 -6.10
N LEU B 42 32.60 -35.99 -5.59
CA LEU B 42 31.34 -35.30 -5.84
C LEU B 42 30.84 -34.42 -4.68
N LEU B 43 30.65 -33.13 -4.98
CA LEU B 43 30.09 -32.14 -4.07
C LEU B 43 28.56 -32.09 -4.27
N LEU B 44 27.82 -32.18 -3.15
CA LEU B 44 26.36 -32.12 -3.16
C LEU B 44 25.83 -30.97 -2.33
N GLY B 45 24.75 -30.39 -2.82
CA GLY B 45 24.00 -29.32 -2.17
C GLY B 45 22.57 -29.75 -1.97
N ALA B 46 22.05 -29.59 -0.74
CA ALA B 46 20.68 -29.98 -0.41
C ALA B 46 19.95 -28.92 0.43
N SER B 47 18.61 -28.88 0.32
CA SER B 47 17.70 -28.02 1.07
C SER B 47 16.51 -28.83 1.54
N SER B 48 15.87 -28.39 2.64
CA SER B 48 14.57 -28.92 3.08
C SER B 48 13.59 -27.79 2.71
N LEU B 49 12.74 -28.06 1.71
CA LEU B 49 11.79 -27.08 1.19
C LEU B 49 10.38 -27.22 1.78
N SER B 50 10.27 -28.11 2.78
CA SER B 50 9.03 -28.37 3.46
C SER B 50 9.30 -28.87 4.88
N GLY B 51 8.23 -29.08 5.66
CA GLY B 51 8.34 -29.51 7.05
C GLY B 51 8.74 -28.41 8.00
N ARG B 52 9.09 -28.78 9.24
CA ARG B 52 9.44 -27.88 10.36
C ARG B 52 10.56 -26.89 10.06
N CYS B 53 11.75 -27.42 9.70
CA CYS B 53 12.96 -26.65 9.44
CA CYS B 53 12.98 -26.66 9.45
C CYS B 53 13.31 -26.51 7.98
N TRP B 54 13.51 -25.25 7.52
CA TRP B 54 13.87 -24.93 6.14
C TRP B 54 15.35 -24.49 6.13
N ALA B 55 16.23 -25.48 6.17
CA ALA B 55 17.67 -25.30 6.17
C ALA B 55 18.32 -26.05 4.98
N GLY B 56 19.61 -26.26 5.05
CA GLY B 56 20.36 -26.95 4.02
C GLY B 56 21.63 -27.62 4.52
N SER B 57 22.34 -28.24 3.59
CA SER B 57 23.57 -28.95 3.88
C SER B 57 24.48 -29.02 2.65
N LEU B 58 25.78 -29.20 2.91
CA LEU B 58 26.85 -29.36 1.91
C LEU B 58 27.51 -30.69 2.20
N TRP B 59 27.75 -31.52 1.16
CA TRP B 59 28.36 -32.84 1.30
C TRP B 59 29.43 -33.10 0.26
N LEU B 60 30.42 -33.91 0.64
CA LEU B 60 31.50 -34.37 -0.24
C LEU B 60 31.49 -35.90 -0.25
N PHE B 61 31.52 -36.51 -1.45
CA PHE B 61 31.55 -37.95 -1.61
C PHE B 61 32.72 -38.34 -2.52
N LYS B 62 33.82 -38.85 -1.94
CA LYS B 62 34.97 -39.31 -2.74
C LYS B 62 34.56 -40.62 -3.47
N ASP B 63 33.50 -41.30 -2.97
CA ASP B 63 32.85 -42.47 -3.57
C ASP B 63 31.44 -42.01 -4.01
N PRO B 64 31.31 -41.53 -5.28
CA PRO B 64 29.99 -41.03 -5.75
C PRO B 64 28.87 -42.07 -5.79
N CYS B 65 29.20 -43.37 -5.78
CA CYS B 65 28.23 -44.48 -5.78
C CYS B 65 27.49 -44.54 -4.46
N ALA B 66 28.17 -44.13 -3.38
CA ALA B 66 27.66 -44.11 -2.01
C ALA B 66 26.62 -42.97 -1.76
N ALA B 67 26.62 -41.91 -2.60
CA ALA B 67 25.70 -40.78 -2.51
C ALA B 67 24.23 -41.17 -2.79
N PRO B 68 23.21 -40.69 -2.03
CA PRO B 68 23.27 -39.68 -0.96
C PRO B 68 23.33 -40.23 0.49
N ASN B 69 23.84 -41.44 0.70
CA ASN B 69 23.95 -42.06 2.04
C ASN B 69 24.93 -41.29 2.95
N GLU B 70 24.38 -40.70 4.02
CA GLU B 70 25.07 -39.88 5.03
C GLU B 70 26.22 -40.62 5.72
N GLY B 71 26.03 -41.91 5.97
CA GLY B 71 27.02 -42.77 6.60
C GLY B 71 28.22 -43.12 5.72
N PHE B 72 28.17 -42.73 4.43
CA PHE B 72 29.24 -43.03 3.48
C PHE B 72 29.87 -41.78 2.82
N CYS B 73 29.67 -40.59 3.42
CA CYS B 73 30.25 -39.34 2.92
C CYS B 73 31.68 -39.13 3.44
N SER B 74 32.48 -38.32 2.72
CA SER B 74 33.84 -37.97 3.15
C SER B 74 33.70 -36.81 4.14
N ALA B 75 32.79 -35.85 3.82
CA ALA B 75 32.49 -34.67 4.62
C ALA B 75 31.02 -34.23 4.47
N GLY B 76 30.52 -33.56 5.50
CA GLY B 76 29.16 -33.03 5.54
C GLY B 76 29.00 -31.95 6.59
N VAL B 77 28.18 -30.93 6.28
CA VAL B 77 27.92 -29.80 7.16
C VAL B 77 26.49 -29.23 6.98
N GLN B 78 25.92 -28.71 8.07
CA GLN B 78 24.62 -28.06 8.10
C GLN B 78 24.81 -26.56 7.81
N THR B 79 23.99 -25.99 6.91
CA THR B 79 24.02 -24.56 6.66
C THR B 79 22.83 -23.93 7.41
N GLU B 80 22.92 -22.62 7.69
CA GLU B 80 21.89 -21.82 8.39
C GLU B 80 20.51 -21.85 7.66
N ALA B 81 20.53 -21.62 6.33
CA ALA B 81 19.32 -21.59 5.48
C ALA B 81 19.51 -22.54 4.29
N GLY B 82 18.54 -22.56 3.37
CA GLY B 82 18.60 -23.41 2.18
C GLY B 82 19.65 -23.02 1.13
N VAL B 83 20.13 -24.03 0.38
CA VAL B 83 21.09 -23.90 -0.72
C VAL B 83 20.31 -23.74 -2.04
N ALA B 84 20.34 -22.56 -2.66
CA ALA B 84 19.66 -22.34 -3.93
C ALA B 84 20.62 -22.66 -5.08
N ASP B 85 21.92 -22.50 -4.83
CA ASP B 85 22.99 -22.79 -5.79
C ASP B 85 24.35 -22.86 -5.09
N LEU B 86 25.31 -23.55 -5.71
CA LEU B 86 26.69 -23.63 -5.24
C LEU B 86 27.65 -23.78 -6.40
N THR B 87 28.95 -23.73 -6.09
CA THR B 87 30.05 -23.87 -7.04
C THR B 87 31.35 -24.18 -6.34
N TRP B 88 32.21 -24.97 -6.99
CA TRP B 88 33.55 -25.24 -6.52
C TRP B 88 34.36 -23.96 -6.76
N VAL B 89 35.31 -23.67 -5.87
CA VAL B 89 36.27 -22.58 -5.96
C VAL B 89 37.59 -23.32 -5.84
N GLY B 90 38.20 -23.61 -6.97
CA GLY B 90 39.43 -24.39 -7.01
C GLY B 90 39.14 -25.84 -6.65
N GLU B 91 39.99 -26.43 -5.78
CA GLU B 91 39.86 -27.82 -5.36
C GLU B 91 39.31 -28.00 -3.93
N ARG B 92 39.26 -26.92 -3.11
CA ARG B 92 38.80 -27.03 -1.72
C ARG B 92 37.70 -26.04 -1.31
N GLY B 93 37.46 -25.03 -2.14
CA GLY B 93 36.47 -23.99 -1.87
C GLY B 93 35.06 -24.30 -2.35
N ILE B 94 34.07 -23.93 -1.54
CA ILE B 94 32.66 -24.13 -1.88
C ILE B 94 31.91 -22.79 -1.70
N LEU B 95 31.49 -22.16 -2.81
CA LEU B 95 30.74 -20.89 -2.78
C LEU B 95 29.23 -21.15 -2.89
N VAL B 96 28.46 -20.71 -1.87
CA VAL B 96 27.03 -20.98 -1.73
C VAL B 96 26.10 -19.76 -1.87
N ALA B 97 25.02 -19.91 -2.65
CA ALA B 97 23.93 -18.93 -2.79
C ALA B 97 22.87 -19.31 -1.73
N SER B 98 22.67 -18.47 -0.71
CA SER B 98 21.71 -18.83 0.35
C SER B 98 20.34 -18.12 0.27
N ASP B 99 19.30 -18.78 0.86
CA ASP B 99 17.95 -18.26 1.03
C ASP B 99 17.96 -17.01 1.88
N SER B 100 18.93 -16.92 2.84
CA SER B 100 19.11 -15.81 3.78
C SER B 100 19.50 -14.45 3.12
N GLY B 101 19.93 -14.48 1.85
CA GLY B 101 20.44 -13.29 1.16
C GLY B 101 21.95 -13.23 1.23
N ALA B 102 22.55 -14.24 1.88
CA ALA B 102 24.00 -14.32 2.01
C ALA B 102 24.66 -15.14 0.93
N VAL B 103 25.90 -14.76 0.64
CA VAL B 103 26.82 -15.50 -0.20
C VAL B 103 27.83 -16.05 0.83
N GLU B 104 28.00 -17.37 0.83
CA GLU B 104 28.87 -18.03 1.79
C GLU B 104 30.01 -18.71 1.11
N LEU B 105 31.17 -18.68 1.74
CA LEU B 105 32.34 -19.40 1.27
C LEU B 105 32.74 -20.40 2.32
N TRP B 106 32.76 -21.65 1.91
CA TRP B 106 33.17 -22.78 2.73
C TRP B 106 34.50 -23.36 2.20
N GLU B 107 35.24 -24.06 3.06
CA GLU B 107 36.50 -24.68 2.67
C GLU B 107 36.69 -26.02 3.36
N LEU B 108 37.22 -26.99 2.62
CA LEU B 108 37.56 -28.30 3.17
C LEU B 108 38.85 -28.15 3.93
N ASP B 109 38.94 -28.77 5.12
CA ASP B 109 40.16 -28.74 5.94
C ASP B 109 41.29 -29.55 5.24
N GLU B 110 42.49 -29.62 5.85
CA GLU B 110 43.63 -30.34 5.28
C GLU B 110 43.29 -31.83 5.03
N ASN B 111 42.56 -32.47 5.97
CA ASN B 111 42.16 -33.88 5.88
C ASN B 111 40.97 -34.11 4.94
N GLU B 112 40.23 -33.03 4.60
CA GLU B 112 39.00 -33.03 3.78
C GLU B 112 37.91 -33.91 4.43
N THR B 113 37.88 -33.86 5.78
CA THR B 113 36.97 -34.57 6.69
C THR B 113 35.97 -33.61 7.32
N LEU B 114 36.20 -32.28 7.16
CA LEU B 114 35.37 -31.18 7.66
C LEU B 114 35.20 -30.08 6.61
N ILE B 115 33.97 -29.55 6.48
CA ILE B 115 33.63 -28.42 5.61
C ILE B 115 33.48 -27.25 6.60
N VAL B 116 34.40 -26.28 6.53
CA VAL B 116 34.49 -25.14 7.46
C VAL B 116 34.13 -23.80 6.80
N SER B 117 33.38 -22.95 7.53
CA SER B 117 32.98 -21.63 7.05
C SER B 117 34.14 -20.64 7.03
N LYS B 118 34.30 -19.89 5.93
CA LYS B 118 35.33 -18.86 5.79
C LYS B 118 34.66 -17.49 5.91
N PHE B 119 33.57 -17.29 5.14
CA PHE B 119 32.77 -16.08 5.22
C PHE B 119 31.31 -16.37 4.92
N CYS B 120 30.43 -15.51 5.45
CA CYS B 120 28.98 -15.49 5.29
C CYS B 120 28.64 -14.01 5.32
N LYS B 121 28.46 -13.43 4.13
CA LYS B 121 28.15 -12.01 3.96
C LYS B 121 26.75 -11.84 3.42
N TYR B 122 25.91 -11.18 4.21
CA TYR B 122 24.52 -10.91 3.91
C TYR B 122 24.47 -9.58 3.13
N GLU B 123 24.53 -9.65 1.80
CA GLU B 123 24.55 -8.44 0.97
C GLU B 123 23.30 -8.25 0.11
N HIS B 124 22.61 -9.35 -0.20
CA HIS B 124 21.37 -9.36 -0.97
C HIS B 124 20.16 -9.20 -0.07
N ASP B 125 19.13 -8.51 -0.58
CA ASP B 125 17.91 -8.18 0.15
C ASP B 125 16.84 -9.27 0.08
N ASP B 126 17.08 -10.29 -0.73
CA ASP B 126 16.19 -11.42 -0.92
C ASP B 126 17.08 -12.64 -1.19
N ILE B 127 16.47 -13.82 -1.38
CA ILE B 127 17.12 -15.08 -1.71
C ILE B 127 18.19 -14.87 -2.81
N VAL B 128 19.38 -15.48 -2.59
CA VAL B 128 20.48 -15.48 -3.57
C VAL B 128 20.17 -16.70 -4.41
N SER B 129 19.85 -16.47 -5.68
CA SER B 129 19.39 -17.50 -6.60
C SER B 129 20.47 -18.19 -7.44
N THR B 130 21.57 -17.50 -7.70
CA THR B 130 22.60 -17.99 -8.61
C THR B 130 23.98 -17.46 -8.24
N VAL B 131 25.01 -18.28 -8.52
CA VAL B 131 26.40 -17.93 -8.24
C VAL B 131 27.34 -18.58 -9.29
N SER B 132 28.41 -17.87 -9.68
CA SER B 132 29.40 -18.33 -10.67
C SER B 132 30.78 -17.75 -10.42
N VAL B 133 31.82 -18.60 -10.46
CA VAL B 133 33.21 -18.15 -10.28
C VAL B 133 33.76 -17.63 -11.62
N LEU B 134 34.35 -16.43 -11.63
CA LEU B 134 34.97 -15.89 -12.86
C LEU B 134 36.33 -16.61 -13.13
N SER B 135 36.84 -16.56 -14.38
CA SER B 135 38.06 -17.23 -14.86
C SER B 135 39.29 -17.06 -13.99
N SER B 136 39.41 -15.90 -13.29
CA SER B 136 40.51 -15.58 -12.38
C SER B 136 40.57 -16.56 -11.20
N GLY B 137 39.40 -17.05 -10.76
CA GLY B 137 39.27 -17.97 -9.64
C GLY B 137 39.32 -17.25 -8.30
N THR B 138 39.50 -15.91 -8.32
CA THR B 138 39.62 -15.01 -7.18
C THR B 138 38.40 -14.10 -7.02
N GLN B 139 37.50 -14.13 -8.01
CA GLN B 139 36.27 -13.33 -8.05
C GLN B 139 35.05 -14.17 -8.38
N ALA B 140 33.89 -13.74 -7.89
CA ALA B 140 32.63 -14.44 -8.11
C ALA B 140 31.50 -13.48 -8.46
N VAL B 141 30.50 -13.99 -9.17
CA VAL B 141 29.32 -13.19 -9.50
C VAL B 141 28.08 -13.87 -8.88
N SER B 142 27.23 -13.07 -8.19
CA SER B 142 25.96 -13.54 -7.61
C SER B 142 24.78 -12.77 -8.22
N GLY B 143 23.63 -13.46 -8.27
CA GLY B 143 22.36 -12.94 -8.77
C GLY B 143 21.27 -13.22 -7.73
N SER B 144 20.29 -12.35 -7.63
CA SER B 144 19.25 -12.51 -6.60
C SER B 144 17.85 -12.09 -7.02
N LYS B 145 16.86 -12.55 -6.23
CA LYS B 145 15.46 -12.18 -6.36
C LYS B 145 15.31 -10.69 -6.04
N ASP B 146 16.31 -10.09 -5.34
CA ASP B 146 16.36 -8.66 -5.05
C ASP B 146 16.66 -7.81 -6.33
N ILE B 147 16.84 -8.47 -7.51
CA ILE B 147 17.04 -7.87 -8.86
C ILE B 147 18.53 -7.40 -9.10
N CYS B 148 19.39 -7.46 -8.06
CA CYS B 148 20.79 -7.04 -8.17
CA CYS B 148 20.80 -7.05 -8.14
C CYS B 148 21.75 -8.18 -8.51
N ILE B 149 22.85 -7.81 -9.21
CA ILE B 149 23.96 -8.65 -9.64
C ILE B 149 25.16 -8.11 -8.84
N LYS B 150 25.93 -8.98 -8.18
CA LYS B 150 27.10 -8.54 -7.42
C LYS B 150 28.38 -9.25 -7.83
N VAL B 151 29.48 -8.48 -7.90
CA VAL B 151 30.82 -8.98 -8.22
C VAL B 151 31.57 -9.01 -6.89
N TRP B 152 32.13 -10.16 -6.53
CA TRP B 152 32.80 -10.38 -5.26
C TRP B 152 34.29 -10.58 -5.40
N ASP B 153 35.08 -10.10 -4.41
CA ASP B 153 36.51 -10.35 -4.28
C ASP B 153 36.54 -11.39 -3.16
N LEU B 154 36.89 -12.64 -3.52
CA LEU B 154 36.90 -13.80 -2.63
C LEU B 154 37.98 -13.75 -1.53
N ALA B 155 39.14 -13.15 -1.82
CA ALA B 155 40.21 -13.01 -0.82
C ALA B 155 39.89 -11.88 0.17
N GLN B 156 39.27 -10.77 -0.30
CA GLN B 156 38.95 -9.63 0.58
C GLN B 156 37.60 -9.75 1.25
N GLN B 157 36.75 -10.72 0.80
CA GLN B 157 35.42 -11.03 1.34
C GLN B 157 34.45 -9.82 1.27
N VAL B 158 34.60 -9.00 0.20
CA VAL B 158 33.82 -7.78 -0.03
C VAL B 158 33.15 -7.77 -1.42
N VAL B 159 32.07 -6.97 -1.56
CA VAL B 159 31.39 -6.76 -2.84
C VAL B 159 32.16 -5.64 -3.55
N LEU B 160 32.70 -5.93 -4.74
CA LEU B 160 33.43 -4.94 -5.53
C LEU B 160 32.42 -4.02 -6.25
N SER B 161 31.37 -4.63 -6.83
CA SER B 161 30.32 -3.92 -7.55
C SER B 161 28.94 -4.55 -7.36
N SER B 162 27.91 -3.68 -7.25
CA SER B 162 26.51 -4.07 -7.17
C SER B 162 25.79 -3.39 -8.34
N TYR B 163 25.19 -4.19 -9.22
CA TYR B 163 24.52 -3.71 -10.42
C TYR B 163 23.02 -3.97 -10.40
N ARG B 164 22.23 -2.93 -10.67
CA ARG B 164 20.77 -3.05 -10.77
C ARG B 164 20.41 -2.81 -12.25
N ALA B 165 20.85 -3.73 -13.13
CA ALA B 165 20.58 -3.63 -14.57
C ALA B 165 19.23 -4.23 -14.91
N HIS B 166 18.86 -5.33 -14.24
CA HIS B 166 17.57 -5.97 -14.49
C HIS B 166 16.38 -5.21 -13.87
N ALA B 167 15.15 -5.64 -14.22
CA ALA B 167 13.91 -5.05 -13.73
C ALA B 167 13.07 -6.09 -12.96
N ALA B 168 13.56 -7.32 -12.89
CA ALA B 168 12.89 -8.42 -12.18
C ALA B 168 13.94 -9.39 -11.63
N GLN B 169 13.50 -10.45 -10.95
CA GLN B 169 14.31 -11.54 -10.38
C GLN B 169 15.36 -12.01 -11.37
N VAL B 170 16.57 -12.22 -10.87
CA VAL B 170 17.69 -12.73 -11.65
C VAL B 170 17.61 -14.26 -11.48
N THR B 171 17.60 -14.99 -12.60
CA THR B 171 17.42 -16.43 -12.65
C THR B 171 18.75 -17.18 -12.74
N CYS B 172 19.71 -16.66 -13.55
CA CYS B 172 20.97 -17.32 -13.82
C CYS B 172 22.11 -16.36 -14.15
N VAL B 173 23.31 -16.65 -13.62
CA VAL B 173 24.57 -15.96 -13.92
C VAL B 173 25.60 -17.03 -14.30
N ALA B 174 26.30 -16.82 -15.42
CA ALA B 174 27.33 -17.75 -15.93
C ALA B 174 28.56 -16.98 -16.39
N ALA B 175 29.68 -17.16 -15.66
CA ALA B 175 30.95 -16.55 -15.93
C ALA B 175 31.57 -17.16 -17.16
N SER B 176 32.20 -16.32 -18.00
CA SER B 176 32.93 -16.74 -19.19
C SER B 176 34.03 -17.76 -18.83
N PRO B 177 34.24 -18.82 -19.65
CA PRO B 177 35.33 -19.78 -19.39
C PRO B 177 36.74 -19.20 -19.23
N HIS B 178 37.13 -18.18 -20.04
CA HIS B 178 38.50 -17.62 -20.01
C HIS B 178 38.60 -16.10 -19.99
N LYS B 179 37.45 -15.38 -20.07
CA LYS B 179 37.42 -13.91 -20.02
C LYS B 179 36.99 -13.49 -18.61
N ASP B 180 37.99 -13.09 -17.80
CA ASP B 180 37.96 -12.70 -16.38
C ASP B 180 36.85 -11.72 -15.98
N SER B 181 36.62 -10.69 -16.82
CA SER B 181 35.66 -9.59 -16.64
C SER B 181 34.33 -9.81 -17.38
N VAL B 182 34.15 -10.99 -17.99
CA VAL B 182 32.97 -11.34 -18.78
C VAL B 182 32.09 -12.40 -18.10
N PHE B 183 30.74 -12.20 -18.13
CA PHE B 183 29.71 -13.12 -17.63
C PHE B 183 28.36 -12.83 -18.28
N LEU B 184 27.48 -13.82 -18.28
CA LEU B 184 26.11 -13.71 -18.81
C LEU B 184 25.14 -13.70 -17.66
N SER B 185 24.01 -12.99 -17.84
CA SER B 185 22.90 -12.99 -16.88
C SER B 185 21.58 -13.05 -17.60
N CYS B 186 20.57 -13.64 -16.99
CA CYS B 186 19.22 -13.67 -17.55
C CYS B 186 18.18 -13.51 -16.45
N SER B 187 17.07 -12.84 -16.79
CA SER B 187 16.07 -12.45 -15.82
C SER B 187 14.65 -12.59 -16.32
N GLU B 188 13.72 -12.51 -15.35
CA GLU B 188 12.29 -12.55 -15.60
C GLU B 188 11.80 -11.25 -16.23
N ASP B 189 12.69 -10.26 -16.39
CA ASP B 189 12.40 -9.01 -17.09
C ASP B 189 12.55 -9.22 -18.62
N ASN B 190 12.79 -10.49 -19.05
CA ASN B 190 13.00 -10.99 -20.43
C ASN B 190 14.36 -10.57 -21.06
N ARG B 191 15.35 -10.22 -20.23
CA ARG B 191 16.65 -9.82 -20.81
C ARG B 191 17.72 -10.84 -20.57
N ILE B 192 18.55 -11.04 -21.60
CA ILE B 192 19.81 -11.79 -21.52
C ILE B 192 20.83 -10.69 -21.65
N LEU B 193 21.66 -10.51 -20.62
CA LEU B 193 22.70 -9.49 -20.64
C LEU B 193 24.09 -10.10 -20.69
N LEU B 194 24.91 -9.55 -21.59
CA LEU B 194 26.33 -9.87 -21.77
C LEU B 194 27.08 -8.77 -21.03
N TRP B 195 27.91 -9.17 -20.07
CA TRP B 195 28.65 -8.23 -19.23
C TRP B 195 30.15 -8.24 -19.49
N ASP B 196 30.74 -7.05 -19.42
CA ASP B 196 32.17 -6.79 -19.48
C ASP B 196 32.42 -5.63 -18.54
N THR B 197 32.98 -5.92 -17.35
CA THR B 197 33.24 -4.92 -16.32
C THR B 197 34.38 -3.92 -16.69
N ARG B 198 35.00 -4.10 -17.88
CA ARG B 198 36.05 -3.19 -18.35
C ARG B 198 35.41 -1.97 -19.04
N CYS B 199 34.09 -2.04 -19.33
CA CYS B 199 33.29 -1.01 -19.99
C CYS B 199 32.60 -0.10 -18.98
N PRO B 200 32.54 1.24 -19.25
CA PRO B 200 31.82 2.17 -18.37
C PRO B 200 30.37 1.73 -18.15
N LYS B 201 29.67 1.24 -19.21
CA LYS B 201 28.33 0.64 -19.16
C LYS B 201 28.56 -0.86 -19.42
N PRO B 202 28.68 -1.65 -18.32
CA PRO B 202 29.11 -3.05 -18.46
C PRO B 202 28.17 -4.02 -19.17
N ALA B 203 26.83 -3.84 -19.04
CA ALA B 203 25.86 -4.74 -19.66
C ALA B 203 25.50 -4.40 -21.09
N SER B 204 25.19 -5.43 -21.87
CA SER B 204 24.71 -5.31 -23.24
C SER B 204 23.61 -6.36 -23.45
N GLN B 205 22.45 -5.94 -23.96
CA GLN B 205 21.33 -6.85 -24.19
C GLN B 205 21.50 -7.63 -25.51
N ILE B 206 21.32 -8.98 -25.46
CA ILE B 206 21.42 -9.86 -26.64
C ILE B 206 20.03 -10.34 -27.04
N GLY B 212 10.16 -13.09 -26.83
CA GLY B 212 9.45 -14.36 -26.70
C GLY B 212 9.28 -14.87 -25.28
N TYR B 213 9.70 -16.13 -25.02
CA TYR B 213 9.58 -16.77 -23.71
C TYR B 213 10.78 -16.50 -22.82
N LEU B 214 10.53 -16.27 -21.52
CA LEU B 214 11.56 -15.93 -20.53
C LEU B 214 12.77 -16.84 -20.51
N PRO B 215 14.01 -16.27 -20.51
CA PRO B 215 15.23 -17.11 -20.43
C PRO B 215 15.43 -17.61 -19.00
N THR B 216 15.78 -18.88 -18.82
CA THR B 216 15.86 -19.49 -17.48
C THR B 216 17.22 -20.12 -17.16
N SER B 217 18.00 -20.50 -18.17
CA SER B 217 19.30 -21.17 -17.99
C SER B 217 20.31 -20.74 -19.03
N LEU B 218 21.59 -20.65 -18.63
CA LEU B 218 22.71 -20.22 -19.48
C LEU B 218 23.93 -21.14 -19.34
N ALA B 219 24.67 -21.33 -20.46
CA ALA B 219 25.92 -22.10 -20.49
C ALA B 219 26.84 -21.61 -21.60
N TRP B 220 28.05 -21.15 -21.25
CA TRP B 220 29.03 -20.72 -22.25
C TRP B 220 29.57 -21.98 -22.93
N HIS B 221 29.91 -21.89 -24.22
CA HIS B 221 30.55 -22.99 -24.93
C HIS B 221 31.97 -23.11 -24.34
N PRO B 222 32.46 -24.33 -24.00
CA PRO B 222 33.79 -24.43 -23.39
C PRO B 222 34.97 -24.13 -24.32
N GLN B 223 34.80 -24.26 -25.67
CA GLN B 223 35.88 -24.03 -26.66
C GLN B 223 35.70 -22.73 -27.49
N GLN B 224 34.48 -22.46 -27.99
CA GLN B 224 34.15 -21.29 -28.79
C GLN B 224 33.76 -20.10 -27.88
N SER B 225 34.74 -19.18 -27.67
CA SER B 225 34.67 -18.00 -26.77
C SER B 225 33.46 -17.08 -26.99
N GLU B 226 32.95 -16.99 -28.23
CA GLU B 226 31.81 -16.13 -28.57
C GLU B 226 30.45 -16.85 -28.58
N VAL B 227 30.41 -18.15 -28.20
CA VAL B 227 29.18 -18.97 -28.23
C VAL B 227 28.64 -19.33 -26.82
N PHE B 228 27.31 -19.36 -26.71
CA PHE B 228 26.59 -19.76 -25.49
C PHE B 228 25.24 -20.36 -25.85
N VAL B 229 24.73 -21.22 -24.96
CA VAL B 229 23.40 -21.78 -25.08
C VAL B 229 22.51 -21.19 -23.99
N PHE B 230 21.22 -21.03 -24.29
CA PHE B 230 20.24 -20.57 -23.32
C PHE B 230 18.97 -21.39 -23.41
N GLY B 231 18.36 -21.64 -22.26
CA GLY B 231 17.11 -22.37 -22.14
C GLY B 231 16.01 -21.42 -21.75
N ASP B 232 14.77 -21.76 -22.07
CA ASP B 232 13.65 -20.89 -21.73
C ASP B 232 12.58 -21.62 -20.86
N GLU B 233 11.60 -20.86 -20.37
CA GLU B 233 10.49 -21.30 -19.54
C GLU B 233 9.54 -22.31 -20.23
N ASN B 234 9.60 -22.38 -21.57
CA ASN B 234 8.76 -23.22 -22.41
C ASN B 234 9.43 -24.54 -22.85
N GLY B 235 10.71 -24.76 -22.49
CA GLY B 235 11.45 -25.99 -22.82
C GLY B 235 12.34 -25.96 -24.05
N THR B 236 12.49 -24.80 -24.69
CA THR B 236 13.35 -24.66 -25.85
C THR B 236 14.78 -24.33 -25.43
N VAL B 237 15.75 -25.02 -26.04
CA VAL B 237 17.19 -24.81 -25.87
C VAL B 237 17.66 -24.13 -27.18
N SER B 238 18.41 -23.01 -27.07
CA SER B 238 18.91 -22.25 -28.24
C SER B 238 20.41 -22.00 -28.20
N LEU B 239 21.06 -21.98 -29.38
CA LEU B 239 22.50 -21.76 -29.63
C LEU B 239 22.70 -20.30 -30.14
N VAL B 240 23.47 -19.50 -29.38
CA VAL B 240 23.73 -18.10 -29.71
C VAL B 240 25.23 -17.83 -29.91
N ASP B 241 25.60 -17.32 -31.10
CA ASP B 241 26.98 -16.98 -31.44
C ASP B 241 27.07 -15.45 -31.52
N THR B 242 27.26 -14.79 -30.33
CA THR B 242 27.39 -13.33 -30.17
C THR B 242 28.41 -12.73 -31.16
N VAL B 248 18.82 -18.04 -35.48
CA VAL B 248 19.65 -18.89 -34.63
C VAL B 248 19.13 -20.35 -34.58
N LEU B 249 19.93 -21.27 -33.99
CA LEU B 249 19.63 -22.70 -33.85
C LEU B 249 18.86 -22.97 -32.55
N SER B 250 17.62 -23.47 -32.66
CA SER B 250 16.79 -23.78 -31.50
C SER B 250 16.09 -25.13 -31.62
N SER B 251 15.85 -25.80 -30.48
CA SER B 251 15.18 -27.10 -30.40
C SER B 251 14.25 -27.16 -29.19
N ALA B 252 12.99 -27.60 -29.41
CA ALA B 252 11.96 -27.79 -28.37
C ALA B 252 12.30 -29.13 -27.67
N VAL B 253 13.18 -29.07 -26.64
CA VAL B 253 13.73 -30.26 -25.97
C VAL B 253 12.85 -30.78 -24.83
N HIS B 254 12.34 -29.88 -24.00
CA HIS B 254 11.53 -30.25 -22.85
C HIS B 254 10.10 -29.73 -23.00
N SER B 255 9.17 -30.30 -22.20
CA SER B 255 7.76 -29.92 -22.16
C SER B 255 7.53 -28.85 -21.09
N GLN B 256 8.59 -28.54 -20.32
CA GLN B 256 8.58 -27.55 -19.25
C GLN B 256 9.91 -26.80 -19.20
N CYS B 257 9.97 -25.80 -18.31
CA CYS B 257 11.10 -24.91 -18.03
C CYS B 257 12.47 -25.63 -18.08
N VAL B 258 13.45 -25.06 -18.83
CA VAL B 258 14.82 -25.63 -18.90
C VAL B 258 15.59 -25.09 -17.68
N THR B 259 15.72 -25.92 -16.63
CA THR B 259 16.38 -25.56 -15.36
C THR B 259 17.89 -25.33 -15.51
N GLY B 260 18.56 -26.24 -16.23
CA GLY B 260 20.01 -26.15 -16.43
C GLY B 260 20.53 -26.71 -17.74
N LEU B 261 21.72 -26.24 -18.11
CA LEU B 261 22.45 -26.62 -19.31
C LEU B 261 23.92 -26.86 -18.95
N VAL B 262 24.41 -28.10 -19.13
CA VAL B 262 25.79 -28.47 -18.76
C VAL B 262 26.54 -29.14 -19.91
N PHE B 263 27.66 -28.53 -20.36
CA PHE B 263 28.49 -29.13 -21.40
C PHE B 263 29.41 -30.24 -20.84
N SER B 264 29.66 -31.28 -21.66
CA SER B 264 30.51 -32.44 -21.35
C SER B 264 32.02 -32.05 -21.38
N PRO B 265 32.94 -32.85 -20.79
CA PRO B 265 34.36 -32.47 -20.80
C PRO B 265 35.12 -32.87 -22.08
N HIS B 266 34.41 -33.43 -23.08
CA HIS B 266 34.95 -33.89 -24.37
C HIS B 266 35.56 -32.76 -25.21
N SER B 267 36.47 -33.13 -26.16
CA SER B 267 37.12 -32.23 -27.13
C SER B 267 36.01 -31.58 -27.97
N VAL B 268 35.04 -32.41 -28.38
CA VAL B 268 33.81 -32.02 -29.06
C VAL B 268 32.68 -32.21 -28.00
N PRO B 269 32.27 -31.13 -27.27
CA PRO B 269 31.29 -31.30 -26.19
C PRO B 269 29.87 -31.64 -26.60
N PHE B 270 29.20 -32.36 -25.69
CA PHE B 270 27.79 -32.74 -25.72
C PHE B 270 27.13 -31.85 -24.68
N LEU B 271 25.83 -31.59 -24.83
CA LEU B 271 25.12 -30.72 -23.89
C LEU B 271 24.01 -31.44 -23.13
N ALA B 272 24.08 -31.38 -21.79
CA ALA B 272 23.08 -31.94 -20.89
C ALA B 272 22.02 -30.86 -20.59
N SER B 273 20.75 -31.20 -20.80
CA SER B 273 19.64 -30.30 -20.49
C SER B 273 18.75 -30.97 -19.45
N LEU B 274 18.36 -30.20 -18.43
CA LEU B 274 17.58 -30.70 -17.31
C LEU B 274 16.37 -29.79 -17.08
N SER B 275 15.23 -30.39 -16.73
CA SER B 275 14.00 -29.64 -16.65
C SER B 275 13.07 -30.01 -15.50
N GLU B 276 12.09 -29.13 -15.26
CA GLU B 276 11.02 -29.34 -14.29
C GLU B 276 10.05 -30.43 -14.81
N ASP B 277 10.23 -30.90 -16.09
CA ASP B 277 9.43 -32.00 -16.65
C ASP B 277 9.92 -33.37 -16.13
N CYS B 278 10.97 -33.34 -15.25
CA CYS B 278 11.60 -34.46 -14.54
C CYS B 278 12.49 -35.32 -15.45
N SER B 279 12.89 -34.81 -16.62
CA SER B 279 13.74 -35.55 -17.55
C SER B 279 15.11 -34.90 -17.82
N LEU B 280 16.04 -35.73 -18.27
CA LEU B 280 17.38 -35.30 -18.67
C LEU B 280 17.53 -35.66 -20.13
N ALA B 281 18.07 -34.73 -20.90
CA ALA B 281 18.36 -34.97 -22.31
C ALA B 281 19.83 -34.64 -22.60
N VAL B 282 20.49 -35.47 -23.43
CA VAL B 282 21.87 -35.25 -23.86
C VAL B 282 21.79 -34.97 -25.35
N LEU B 283 22.28 -33.79 -25.74
CA LEU B 283 22.21 -33.24 -27.08
C LEU B 283 23.58 -33.12 -27.76
N ASP B 284 23.61 -33.22 -29.09
CA ASP B 284 24.85 -33.04 -29.85
C ASP B 284 25.06 -31.54 -30.21
N SER B 285 26.08 -31.25 -31.05
CA SER B 285 26.48 -29.93 -31.54
C SER B 285 25.34 -29.13 -32.19
N SER B 286 24.48 -29.81 -32.96
CA SER B 286 23.34 -29.21 -33.65
C SER B 286 22.03 -29.34 -32.85
N LEU B 287 22.13 -29.50 -31.52
CA LEU B 287 21.04 -29.63 -30.53
C LEU B 287 20.11 -30.85 -30.77
N SER B 288 20.61 -31.87 -31.51
CA SER B 288 19.86 -33.11 -31.76
C SER B 288 20.02 -34.07 -30.58
N GLU B 289 18.93 -34.75 -30.21
CA GLU B 289 18.87 -35.67 -29.07
C GLU B 289 19.62 -36.98 -29.32
N LEU B 290 20.48 -37.35 -28.36
CA LEU B 290 21.30 -38.56 -28.37
C LEU B 290 20.90 -39.51 -27.24
N PHE B 291 20.52 -38.93 -26.09
CA PHE B 291 20.11 -39.66 -24.89
C PHE B 291 18.96 -38.93 -24.19
N ARG B 292 18.12 -39.70 -23.49
CA ARG B 292 16.96 -39.25 -22.71
C ARG B 292 16.80 -40.15 -21.49
N SER B 293 16.58 -39.55 -20.31
CA SER B 293 16.38 -40.29 -19.07
C SER B 293 15.18 -39.78 -18.30
N GLN B 294 14.26 -40.70 -17.92
CA GLN B 294 13.06 -40.39 -17.13
C GLN B 294 13.22 -41.02 -15.73
N ALA B 295 14.48 -41.21 -15.31
CA ALA B 295 14.86 -41.82 -14.03
C ALA B 295 14.30 -41.07 -12.81
N HIS B 296 14.28 -39.73 -12.86
CA HIS B 296 13.78 -38.92 -11.76
C HIS B 296 12.24 -38.86 -11.66
N ARG B 297 11.73 -38.91 -10.42
CA ARG B 297 10.30 -38.86 -10.07
C ARG B 297 9.84 -37.42 -9.69
N ASP B 298 10.80 -36.49 -9.61
CA ASP B 298 10.57 -35.09 -9.27
C ASP B 298 11.55 -34.26 -10.10
N PHE B 299 11.55 -32.93 -9.92
CA PHE B 299 12.39 -31.98 -10.66
C PHE B 299 13.88 -32.30 -10.66
N VAL B 300 14.48 -32.32 -11.87
CA VAL B 300 15.94 -32.52 -12.08
C VAL B 300 16.58 -31.14 -11.84
N ARG B 301 17.52 -31.06 -10.88
CA ARG B 301 18.13 -29.81 -10.40
C ARG B 301 19.55 -29.53 -10.85
N ASP B 302 20.39 -30.57 -10.96
CA ASP B 302 21.75 -30.39 -11.45
C ASP B 302 22.21 -31.58 -12.29
N ALA B 303 23.26 -31.37 -13.10
CA ALA B 303 23.92 -32.37 -13.93
C ALA B 303 25.43 -32.11 -13.87
N THR B 304 26.22 -33.17 -13.67
CA THR B 304 27.68 -33.05 -13.60
C THR B 304 28.35 -34.26 -14.28
N TRP B 305 29.22 -33.97 -15.27
CA TRP B 305 29.96 -34.97 -16.03
C TRP B 305 31.21 -35.36 -15.25
N SER B 306 31.46 -36.68 -15.10
CA SER B 306 32.65 -37.19 -14.40
C SER B 306 33.96 -36.84 -15.15
N PRO B 307 35.00 -36.30 -14.45
CA PRO B 307 36.28 -36.02 -15.13
C PRO B 307 37.07 -37.30 -15.44
N LEU B 308 36.80 -38.35 -14.66
CA LEU B 308 37.41 -39.67 -14.74
C LEU B 308 36.92 -40.40 -16.01
N ASN B 309 35.60 -40.58 -16.15
CA ASN B 309 34.96 -41.21 -17.31
C ASN B 309 34.00 -40.20 -17.92
N HIS B 310 34.39 -39.66 -19.10
CA HIS B 310 33.67 -38.62 -19.83
C HIS B 310 32.29 -39.08 -20.39
N SER B 311 31.99 -40.39 -20.37
CA SER B 311 30.71 -40.92 -20.81
C SER B 311 29.71 -41.04 -19.63
N LEU B 312 30.14 -40.67 -18.41
CA LEU B 312 29.30 -40.72 -17.22
C LEU B 312 28.74 -39.35 -16.84
N LEU B 313 27.45 -39.29 -16.49
CA LEU B 313 26.76 -38.05 -16.13
C LEU B 313 25.88 -38.24 -14.90
N THR B 314 26.12 -37.46 -13.84
CA THR B 314 25.37 -37.56 -12.59
C THR B 314 24.35 -36.43 -12.46
N THR B 315 23.10 -36.80 -12.15
CA THR B 315 22.01 -35.85 -11.90
C THR B 315 21.50 -36.03 -10.49
N VAL B 316 20.99 -34.94 -9.91
CA VAL B 316 20.34 -34.90 -8.60
C VAL B 316 18.99 -34.22 -8.77
N GLY B 317 17.99 -34.68 -8.03
CA GLY B 317 16.65 -34.14 -8.07
C GLY B 317 15.99 -34.01 -6.71
N TRP B 318 14.79 -33.41 -6.70
CA TRP B 318 13.97 -33.21 -5.49
C TRP B 318 13.34 -34.51 -4.95
N ASP B 319 13.50 -35.61 -5.70
CA ASP B 319 13.06 -36.96 -5.33
C ASP B 319 14.14 -37.65 -4.46
N HIS B 320 15.25 -36.91 -4.16
CA HIS B 320 16.41 -37.32 -3.34
C HIS B 320 17.31 -38.39 -4.05
N GLN B 321 17.13 -38.57 -5.37
CA GLN B 321 17.90 -39.51 -6.19
C GLN B 321 19.17 -38.86 -6.76
N VAL B 322 20.30 -39.60 -6.65
CA VAL B 322 21.61 -39.29 -7.23
C VAL B 322 21.71 -40.37 -8.31
N VAL B 323 21.49 -39.98 -9.57
CA VAL B 323 21.53 -40.95 -10.67
C VAL B 323 22.81 -40.82 -11.49
N HIS B 324 23.43 -41.97 -11.82
CA HIS B 324 24.64 -42.05 -12.65
C HIS B 324 24.25 -42.60 -14.01
N HIS B 325 24.22 -41.73 -15.03
CA HIS B 325 23.85 -42.07 -16.39
C HIS B 325 25.06 -42.45 -17.22
N VAL B 326 24.91 -43.53 -18.02
CA VAL B 326 25.95 -43.98 -18.93
C VAL B 326 25.50 -43.47 -20.30
N VAL B 327 26.03 -42.32 -20.69
CA VAL B 327 25.70 -41.64 -21.95
C VAL B 327 26.37 -42.37 -23.13
N PRO B 328 25.61 -42.79 -24.17
CA PRO B 328 26.24 -43.49 -25.30
C PRO B 328 26.84 -42.54 -26.32
N VAL C 1 18.99 5.39 22.27
CA VAL C 1 19.92 4.70 23.16
C VAL C 1 21.27 5.45 23.24
N VAL C 2 21.90 5.74 22.09
CA VAL C 2 23.21 6.41 22.01
C VAL C 2 23.07 7.90 21.59
N PRO C 3 23.92 8.84 22.11
CA PRO C 3 23.82 10.25 21.69
C PRO C 3 24.20 10.42 20.22
N GLY C 4 23.40 11.16 19.46
CA GLY C 4 23.62 11.42 18.04
C GLY C 4 23.22 10.31 17.08
N GLN C 5 22.58 9.24 17.63
CA GLN C 5 22.10 8.06 16.88
C GLN C 5 21.10 8.42 15.78
N PHE C 6 20.23 9.43 16.02
CA PHE C 6 19.17 9.81 15.07
C PHE C 6 19.39 11.12 14.29
N ASP C 7 20.59 11.74 14.40
CA ASP C 7 20.95 12.96 13.65
C ASP C 7 20.91 12.71 12.13
N ASP C 8 20.53 13.73 11.32
CA ASP C 8 20.48 13.67 9.86
C ASP C 8 21.86 13.53 9.24
N ALA C 9 21.94 12.91 8.04
CA ALA C 9 23.20 12.75 7.31
C ALA C 9 23.56 14.05 6.55
N ASP C 10 24.87 14.24 6.23
CA ASP C 10 25.38 15.40 5.48
C ASP C 10 25.09 15.25 3.98
N SFG D . -29.30 28.09 19.68
CA SFG D . -28.78 26.81 20.20
C SFG D . -27.25 26.77 20.19
O SFG D . -26.57 27.52 19.49
OXT SFG D . -26.77 25.86 21.01
CB SFG D . -29.37 25.58 19.45
CG SFG D . -29.05 25.51 17.96
CD SFG D . -29.90 24.45 17.25
NE SFG D . -29.08 23.63 16.35
C5' SFG D . -31.11 25.02 16.52
C4' SFG D . -32.31 25.18 17.43
O4' SFG D . -33.37 25.94 16.81
C3' SFG D . -32.95 23.88 17.94
O3' SFG D . -33.10 23.96 19.35
C2' SFG D . -34.25 23.78 17.14
O2' SFG D . -35.27 23.04 17.80
C1' SFG D . -34.60 25.26 16.97
N9 SFG D . -35.45 25.57 15.83
C8 SFG D . -35.25 25.18 14.53
N7 SFG D . -36.18 25.61 13.71
C5 SFG D . -37.05 26.33 14.51
C6 SFG D . -38.25 27.02 14.25
N6 SFG D . -38.74 27.20 13.01
N1 SFG D . -38.89 27.59 15.30
C2 SFG D . -38.33 27.51 16.50
N3 SFG D . -37.20 26.91 16.88
C4 SFG D . -36.60 26.32 15.83
#